data_8SHJ
#
_entry.id   8SHJ
#
_cell.length_a   76.859
_cell.length_b   121.374
_cell.length_c   131.804
_cell.angle_alpha   90.00
_cell.angle_beta   90.00
_cell.angle_gamma   90.00
#
_symmetry.space_group_name_H-M   'P 21 21 21'
#
loop_
_entity.id
_entity.type
_entity.pdbx_description
1 polymer 'WD repeat-containing protein 91'
2 non-polymer N-[3-(4-chlorophenyl)oxetan-3-yl]-4-[(3S)-3-hydroxypyrrolidin-1-yl]benzamide
3 water water
#
_entity_poly.entity_id   1
_entity_poly.type   'polypeptide(L)'
_entity_poly.pdbx_seq_one_letter_code
;MHHHHHHSSGRENLYFQGPEQPFIVLGQEEYGEHHSSIMHCRVDCSGRRVASLDVDGVIKVWSFNPIMQTKASSISKSPL
LSLEWATKRDRLLLLGSGVGTVRLYDTEAKKNLCEININDNMPRILSLACSPNGASFVCSAAAPSLTSQVPGRLLLWDTK
TMKQQLQFSLDPEPIAINCTAFNHNGNLLVTGAADGVIRLFDMQQHECAMSWRAHYGEVYSVEFSYDENTVYSIGEDGKF
IQWNIHKSGLKVSEYSLPSDATGPFVLSGYSGYKQVQVPRGRLFAFDSEGNYMLTCSATGGVIYKLGGDEKVLESCLSLG
GHRAPVVTVDWSTAMDCGTCLTASMDGKIKLTTLLAHKA
;
_entity_poly.pdbx_strand_id   A,B,C
#
# COMPACT_ATOMS: atom_id res chain seq x y z
N GLN A 21 -9.41 3.49 37.01
CA GLN A 21 -9.60 2.71 35.78
C GLN A 21 -11.07 2.32 35.62
N PRO A 22 -11.68 2.50 34.42
CA PRO A 22 -13.10 2.15 34.27
C PRO A 22 -13.40 0.65 34.25
N PHE A 23 -12.43 -0.13 33.79
CA PHE A 23 -12.58 -1.58 33.63
C PHE A 23 -11.47 -2.37 34.27
N ILE A 24 -11.85 -3.53 34.81
CA ILE A 24 -10.96 -4.55 35.34
C ILE A 24 -10.93 -5.67 34.27
N VAL A 25 -9.71 -5.99 33.76
CA VAL A 25 -9.50 -7.06 32.78
C VAL A 25 -9.49 -8.40 33.54
N LEU A 26 -10.58 -9.20 33.44
CA LEU A 26 -10.64 -10.48 34.13
C LEU A 26 -9.77 -11.52 33.44
N GLY A 27 -9.78 -11.54 32.12
CA GLY A 27 -8.96 -12.44 31.32
C GLY A 27 -9.08 -12.23 29.82
N GLN A 28 -8.21 -12.92 29.08
CA GLN A 28 -8.11 -12.94 27.63
C GLN A 28 -7.92 -14.39 27.15
N GLU A 29 -8.75 -14.80 26.23
CA GLU A 29 -8.71 -16.14 25.66
C GLU A 29 -8.64 -16.01 24.15
N GLU A 30 -8.30 -17.11 23.45
CA GLU A 30 -8.21 -17.08 22.02
C GLU A 30 -9.00 -18.18 21.37
N TYR A 31 -9.76 -17.83 20.34
CA TYR A 31 -10.47 -18.78 19.51
C TYR A 31 -9.67 -18.84 18.19
N GLY A 32 -9.10 -20.02 17.87
CA GLY A 32 -8.23 -20.20 16.72
C GLY A 32 -8.66 -21.19 15.65
N GLU A 33 -9.96 -21.49 15.57
CA GLU A 33 -10.47 -22.45 14.59
C GLU A 33 -10.44 -21.91 13.15
N HIS A 34 -10.48 -20.58 12.95
CA HIS A 34 -10.38 -20.00 11.60
C HIS A 34 -8.90 -19.96 11.19
N HIS A 35 -8.62 -20.31 9.92
CA HIS A 35 -7.24 -20.32 9.42
C HIS A 35 -7.04 -19.27 8.33
N SER A 36 -8.01 -18.37 8.18
CA SER A 36 -8.02 -17.29 7.21
C SER A 36 -8.50 -16.03 7.87
N SER A 37 -8.13 -14.89 7.29
CA SER A 37 -8.53 -13.58 7.79
C SER A 37 -10.03 -13.50 8.07
N ILE A 38 -10.40 -12.85 9.18
CA ILE A 38 -11.80 -12.70 9.62
C ILE A 38 -12.50 -11.55 8.90
N MET A 39 -13.73 -11.79 8.47
CA MET A 39 -14.57 -10.80 7.82
C MET A 39 -15.52 -10.20 8.85
N HIS A 40 -16.22 -11.06 9.61
CA HIS A 40 -17.23 -10.68 10.60
C HIS A 40 -17.16 -11.56 11.82
N CYS A 41 -17.53 -10.98 12.96
N CYS A 41 -17.45 -11.00 13.00
CA CYS A 41 -17.51 -11.66 14.24
CA CYS A 41 -17.57 -11.77 14.24
C CYS A 41 -18.54 -10.97 15.13
C CYS A 41 -18.52 -11.03 15.17
N ARG A 42 -19.70 -11.62 15.36
CA ARG A 42 -20.78 -11.03 16.15
C ARG A 42 -21.27 -11.96 17.24
N VAL A 43 -21.58 -11.38 18.39
CA VAL A 43 -22.16 -12.10 19.53
C VAL A 43 -23.65 -12.10 19.33
N ASP A 44 -24.34 -13.22 19.67
CA ASP A 44 -25.79 -13.34 19.58
C ASP A 44 -26.47 -12.43 20.63
N CYS A 45 -27.82 -12.37 20.61
N CYS A 45 -27.81 -12.38 20.63
CA CYS A 45 -28.61 -11.53 21.51
CA CYS A 45 -28.54 -11.49 21.52
C CYS A 45 -28.54 -12.00 22.98
C CYS A 45 -28.62 -12.01 22.98
N SER A 46 -28.32 -13.31 23.22
CA SER A 46 -28.26 -13.88 24.57
C SER A 46 -26.92 -13.54 25.26
N GLY A 47 -25.92 -13.17 24.45
CA GLY A 47 -24.59 -12.79 24.88
C GLY A 47 -23.71 -13.99 25.14
N ARG A 48 -24.11 -15.17 24.61
CA ARG A 48 -23.39 -16.42 24.86
C ARG A 48 -22.77 -17.07 23.64
N ARG A 49 -23.15 -16.67 22.42
CA ARG A 49 -22.60 -17.33 21.26
C ARG A 49 -22.05 -16.37 20.24
N VAL A 50 -21.07 -16.83 19.49
CA VAL A 50 -20.47 -15.99 18.45
C VAL A 50 -20.68 -16.68 17.13
N ALA A 51 -20.91 -15.87 16.07
CA ALA A 51 -20.90 -16.37 14.69
C ALA A 51 -19.79 -15.56 14.06
N SER A 52 -18.78 -16.28 13.56
CA SER A 52 -17.64 -15.66 12.92
C SER A 52 -17.52 -16.20 11.49
N LEU A 53 -17.14 -15.33 10.58
CA LEU A 53 -17.03 -15.66 9.16
C LEU A 53 -15.66 -15.20 8.68
N ASP A 54 -14.95 -16.08 7.97
CA ASP A 54 -13.65 -15.74 7.44
C ASP A 54 -13.73 -15.54 5.88
N VAL A 55 -12.63 -15.09 5.24
CA VAL A 55 -12.58 -14.76 3.82
C VAL A 55 -12.63 -16.03 2.93
N ASP A 56 -12.34 -17.22 3.49
CA ASP A 56 -12.44 -18.50 2.76
C ASP A 56 -13.89 -19.03 2.68
N GLY A 57 -14.84 -18.31 3.27
CA GLY A 57 -16.24 -18.71 3.33
C GLY A 57 -16.57 -19.68 4.46
N VAL A 58 -15.68 -19.83 5.46
CA VAL A 58 -15.93 -20.69 6.64
C VAL A 58 -16.74 -19.91 7.68
N ILE A 59 -17.88 -20.45 8.09
CA ILE A 59 -18.75 -19.87 9.09
C ILE A 59 -18.69 -20.78 10.34
N LYS A 60 -18.30 -20.22 11.48
CA LYS A 60 -18.25 -20.94 12.75
C LYS A 60 -19.23 -20.32 13.75
N VAL A 61 -19.98 -21.18 14.46
CA VAL A 61 -20.87 -20.80 15.55
C VAL A 61 -20.22 -21.44 16.76
N TRP A 62 -19.90 -20.63 17.75
CA TRP A 62 -19.20 -21.15 18.91
C TRP A 62 -19.61 -20.47 20.19
N SER A 63 -19.44 -21.19 21.29
CA SER A 63 -19.72 -20.68 22.63
C SER A 63 -18.38 -20.31 23.27
N PHE A 64 -18.38 -19.42 24.27
CA PHE A 64 -17.16 -19.04 25.01
C PHE A 64 -17.38 -19.09 26.53
N ASN A 65 -18.62 -19.18 26.98
CA ASN A 65 -18.93 -19.23 28.41
C ASN A 65 -19.68 -20.54 28.69
N PRO A 66 -19.15 -21.44 29.56
CA PRO A 66 -17.97 -21.31 30.44
C PRO A 66 -16.60 -21.53 29.76
N ILE A 67 -16.57 -22.20 28.60
CA ILE A 67 -15.33 -22.54 27.88
C ILE A 67 -15.57 -22.32 26.40
N MET A 68 -14.49 -22.25 25.61
CA MET A 68 -14.57 -22.15 24.16
C MET A 68 -14.89 -23.50 23.58
N GLN A 69 -15.93 -23.54 22.77
CA GLN A 69 -16.44 -24.78 22.20
C GLN A 69 -17.20 -24.43 20.93
N THR A 70 -16.84 -25.09 19.83
CA THR A 70 -17.51 -24.91 18.53
C THR A 70 -18.83 -25.66 18.60
N LYS A 71 -19.92 -25.01 18.22
CA LYS A 71 -21.26 -25.60 18.19
C LYS A 71 -21.63 -26.05 16.79
N ALA A 72 -21.18 -25.30 15.76
CA ALA A 72 -21.44 -25.58 14.35
C ALA A 72 -20.34 -24.99 13.50
N SER A 73 -20.11 -25.61 12.34
CA SER A 73 -19.07 -25.16 11.41
C SER A 73 -19.47 -25.55 9.99
N SER A 74 -19.23 -24.67 8.99
CA SER A 74 -19.58 -24.98 7.59
C SER A 74 -18.81 -24.15 6.58
N ILE A 75 -18.42 -24.80 5.48
CA ILE A 75 -17.76 -24.12 4.37
C ILE A 75 -18.89 -23.79 3.38
N SER A 76 -19.01 -22.52 3.00
CA SER A 76 -20.03 -22.11 2.04
C SER A 76 -19.45 -22.40 0.65
N LYS A 77 -20.26 -22.99 -0.26
CA LYS A 77 -19.79 -23.22 -1.63
C LYS A 77 -19.68 -21.86 -2.33
N SER A 78 -20.72 -21.02 -2.15
CA SER A 78 -20.79 -19.67 -2.72
C SER A 78 -20.22 -18.60 -1.76
N PRO A 79 -19.75 -17.43 -2.27
CA PRO A 79 -19.22 -16.39 -1.34
C PRO A 79 -20.23 -15.91 -0.29
N LEU A 80 -19.77 -15.64 0.96
CA LEU A 80 -20.58 -15.11 2.06
C LEU A 80 -19.98 -13.75 2.43
N LEU A 81 -20.80 -12.69 2.50
CA LEU A 81 -20.31 -11.33 2.72
C LEU A 81 -20.83 -10.64 4.00
N SER A 82 -21.90 -11.15 4.61
CA SER A 82 -22.49 -10.51 5.80
C SER A 82 -23.23 -11.52 6.64
N LEU A 83 -23.39 -11.23 7.93
CA LEU A 83 -24.11 -12.11 8.83
C LEU A 83 -24.83 -11.26 9.85
N GLU A 84 -25.98 -11.73 10.35
CA GLU A 84 -26.75 -11.00 11.35
C GLU A 84 -27.53 -11.99 12.19
N TRP A 85 -27.46 -11.88 13.50
CA TRP A 85 -28.25 -12.74 14.41
C TRP A 85 -29.68 -12.22 14.50
N ALA A 86 -30.66 -13.14 14.67
CA ALA A 86 -32.05 -12.78 14.90
C ALA A 86 -32.12 -12.13 16.29
N THR A 87 -33.05 -11.21 16.50
CA THR A 87 -33.13 -10.49 17.78
C THR A 87 -34.09 -11.16 18.80
N LYS A 88 -35.08 -11.97 18.35
CA LYS A 88 -36.04 -12.62 19.28
C LYS A 88 -35.86 -14.13 19.31
N ARG A 89 -35.48 -14.72 18.18
CA ARG A 89 -35.21 -16.14 18.06
C ARG A 89 -33.68 -16.30 18.01
N ASP A 90 -33.05 -16.27 19.19
CA ASP A 90 -31.60 -16.32 19.47
C ASP A 90 -30.78 -17.24 18.56
N ARG A 91 -31.32 -18.42 18.22
CA ARG A 91 -30.66 -19.48 17.45
C ARG A 91 -30.64 -19.23 15.97
N LEU A 92 -31.41 -18.27 15.48
CA LEU A 92 -31.51 -18.00 14.07
C LEU A 92 -30.44 -17.02 13.63
N LEU A 93 -29.78 -17.34 12.55
CA LEU A 93 -28.71 -16.52 12.00
C LEU A 93 -28.98 -16.27 10.49
N LEU A 94 -28.91 -15.02 10.08
CA LEU A 94 -29.05 -14.62 8.68
C LEU A 94 -27.67 -14.49 8.06
N LEU A 95 -27.49 -15.05 6.87
CA LEU A 95 -26.25 -15.04 6.12
C LEU A 95 -26.50 -14.43 4.75
N GLY A 96 -25.74 -13.40 4.41
CA GLY A 96 -25.87 -12.76 3.11
C GLY A 96 -24.76 -13.24 2.20
N SER A 97 -25.08 -13.61 0.96
CA SER A 97 -24.08 -14.13 0.01
C SER A 97 -23.60 -13.06 -0.98
N GLY A 98 -22.71 -13.49 -1.88
CA GLY A 98 -22.19 -12.68 -2.97
C GLY A 98 -22.81 -13.09 -4.29
N VAL A 99 -23.89 -13.91 -4.21
CA VAL A 99 -24.63 -14.45 -5.37
C VAL A 99 -26.13 -14.11 -5.27
N GLY A 100 -26.44 -12.99 -4.64
CA GLY A 100 -27.81 -12.46 -4.50
C GLY A 100 -28.75 -13.32 -3.69
N THR A 101 -28.30 -13.83 -2.53
CA THR A 101 -29.16 -14.70 -1.70
C THR A 101 -29.01 -14.38 -0.23
N VAL A 102 -30.08 -14.66 0.56
CA VAL A 102 -30.10 -14.53 2.01
C VAL A 102 -30.47 -15.92 2.52
N ARG A 103 -29.61 -16.49 3.37
CA ARG A 103 -29.80 -17.82 3.97
C ARG A 103 -30.21 -17.63 5.41
N LEU A 104 -31.26 -18.34 5.84
CA LEU A 104 -31.67 -18.33 7.24
C LEU A 104 -31.18 -19.67 7.76
N TYR A 105 -30.30 -19.63 8.78
CA TYR A 105 -29.67 -20.82 9.34
C TYR A 105 -30.07 -21.03 10.81
N ASP A 106 -30.57 -22.23 11.13
CA ASP A 106 -30.94 -22.59 12.52
C ASP A 106 -29.69 -23.21 13.13
N THR A 107 -29.04 -22.49 14.05
CA THR A 107 -27.79 -22.91 14.68
C THR A 107 -27.99 -24.04 15.70
N GLU A 108 -29.23 -24.23 16.19
CA GLU A 108 -29.58 -25.31 17.12
C GLU A 108 -29.89 -26.59 16.35
N ALA A 109 -30.61 -26.51 15.21
CA ALA A 109 -30.93 -27.65 14.35
C ALA A 109 -29.80 -27.96 13.37
N LYS A 110 -28.81 -27.06 13.26
CA LYS A 110 -27.65 -27.17 12.36
C LYS A 110 -28.11 -27.31 10.89
N LYS A 111 -29.19 -26.60 10.51
CA LYS A 111 -29.70 -26.65 9.14
C LYS A 111 -30.25 -25.31 8.67
N ASN A 112 -30.19 -25.08 7.35
CA ASN A 112 -30.75 -23.91 6.71
C ASN A 112 -32.27 -24.06 6.68
N LEU A 113 -33.00 -23.05 7.17
CA LEU A 113 -34.47 -23.05 7.15
C LEU A 113 -34.99 -22.60 5.79
N CYS A 114 -34.23 -21.74 5.09
CA CYS A 114 -34.50 -21.29 3.72
C CYS A 114 -33.36 -20.45 3.15
N GLU A 115 -33.43 -20.20 1.84
CA GLU A 115 -32.51 -19.40 1.05
C GLU A 115 -33.37 -18.65 0.00
N ILE A 116 -33.41 -17.32 0.07
CA ILE A 116 -34.24 -16.54 -0.84
C ILE A 116 -33.38 -15.70 -1.78
N ASN A 117 -33.73 -15.72 -3.09
CA ASN A 117 -33.07 -14.91 -4.10
C ASN A 117 -33.53 -13.47 -3.98
N ILE A 118 -32.59 -12.58 -3.61
CA ILE A 118 -32.84 -11.15 -3.36
C ILE A 118 -32.61 -10.38 -4.65
N ASN A 119 -33.41 -10.76 -5.69
CA ASN A 119 -33.47 -10.27 -7.07
C ASN A 119 -32.15 -10.53 -7.83
N ASP A 120 -31.93 -9.81 -8.95
CA ASP A 120 -30.75 -9.93 -9.80
C ASP A 120 -30.15 -8.54 -10.13
N ASN A 121 -28.89 -8.54 -10.68
CA ASN A 121 -28.06 -7.40 -11.05
C ASN A 121 -27.24 -6.87 -9.86
N MET A 122 -27.70 -7.15 -8.60
CA MET A 122 -27.07 -6.70 -7.35
C MET A 122 -26.83 -7.92 -6.44
N PRO A 123 -25.76 -8.70 -6.71
CA PRO A 123 -25.59 -9.95 -5.98
C PRO A 123 -24.90 -9.88 -4.61
N ARG A 124 -24.22 -8.77 -4.31
CA ARG A 124 -23.46 -8.59 -3.08
C ARG A 124 -24.33 -8.14 -1.92
N ILE A 125 -24.62 -9.07 -0.98
CA ILE A 125 -25.40 -8.74 0.23
C ILE A 125 -24.40 -8.25 1.27
N LEU A 126 -24.20 -6.94 1.31
CA LEU A 126 -23.18 -6.28 2.14
C LEU A 126 -23.59 -6.04 3.58
N SER A 127 -24.88 -5.84 3.85
CA SER A 127 -25.33 -5.51 5.19
C SER A 127 -26.65 -6.16 5.50
N LEU A 128 -26.83 -6.61 6.74
CA LEU A 128 -28.05 -7.23 7.22
C LEU A 128 -28.34 -6.64 8.58
N ALA A 129 -29.59 -6.24 8.85
CA ALA A 129 -29.93 -5.70 10.18
C ALA A 129 -31.30 -6.20 10.57
N CYS A 130 -31.42 -6.77 11.77
CA CYS A 130 -32.69 -7.29 12.27
C CYS A 130 -33.33 -6.29 13.15
N SER A 131 -34.62 -6.01 12.90
CA SER A 131 -35.36 -5.04 13.71
C SER A 131 -35.48 -5.58 15.15
N PRO A 132 -35.42 -4.70 16.17
CA PRO A 132 -35.49 -5.15 17.57
C PRO A 132 -36.73 -5.97 17.95
N ASN A 133 -37.90 -5.70 17.36
CA ASN A 133 -39.14 -6.43 17.73
C ASN A 133 -39.25 -7.84 17.09
N GLY A 134 -38.27 -8.21 16.26
CA GLY A 134 -38.22 -9.50 15.58
C GLY A 134 -39.10 -9.68 14.35
N ALA A 135 -39.85 -8.62 13.93
CA ALA A 135 -40.83 -8.76 12.82
C ALA A 135 -40.24 -8.51 11.42
N SER A 136 -39.11 -7.82 11.33
CA SER A 136 -38.54 -7.52 10.02
C SER A 136 -37.03 -7.51 10.05
N PHE A 137 -36.42 -7.41 8.86
CA PHE A 137 -34.99 -7.22 8.69
C PHE A 137 -34.75 -6.43 7.41
N VAL A 138 -33.60 -5.76 7.33
CA VAL A 138 -33.22 -5.03 6.13
C VAL A 138 -31.96 -5.65 5.57
N CYS A 139 -31.79 -5.58 4.28
CA CYS A 139 -30.53 -5.98 3.72
C CYS A 139 -30.15 -5.01 2.60
N SER A 140 -28.83 -4.78 2.48
CA SER A 140 -28.26 -3.97 1.42
C SER A 140 -27.81 -4.96 0.32
N ALA A 141 -28.17 -4.72 -0.93
CA ALA A 141 -27.81 -5.58 -2.06
C ALA A 141 -27.13 -4.69 -3.09
N ALA A 142 -25.85 -4.95 -3.41
CA ALA A 142 -25.12 -4.07 -4.33
C ALA A 142 -24.58 -4.81 -5.57
N ALA A 143 -24.33 -4.04 -6.61
CA ALA A 143 -23.77 -4.49 -7.88
C ALA A 143 -22.28 -4.89 -7.69
N PRO A 144 -21.62 -5.63 -8.62
CA PRO A 144 -20.17 -5.93 -8.42
C PRO A 144 -19.33 -4.64 -8.39
N SER A 145 -18.26 -4.63 -7.58
CA SER A 145 -17.38 -3.47 -7.41
C SER A 145 -16.52 -3.17 -8.66
N LEU A 146 -16.84 -2.06 -9.36
CA LEU A 146 -16.13 -1.64 -10.58
C LEU A 146 -15.48 -0.26 -10.39
N THR A 147 -16.16 0.61 -9.63
CA THR A 147 -15.76 1.99 -9.27
C THR A 147 -16.30 2.22 -7.85
N SER A 148 -16.19 3.45 -7.33
CA SER A 148 -16.74 3.81 -6.01
C SER A 148 -18.21 4.20 -6.17
N GLN A 149 -18.61 4.53 -7.43
CA GLN A 149 -19.96 4.93 -7.81
C GLN A 149 -20.76 3.73 -8.32
N VAL A 150 -20.75 2.61 -7.56
CA VAL A 150 -21.45 1.39 -7.92
C VAL A 150 -22.89 1.37 -7.30
N PRO A 151 -23.90 1.01 -8.13
CA PRO A 151 -25.29 0.97 -7.64
C PRO A 151 -25.55 -0.08 -6.56
N GLY A 152 -26.59 0.17 -5.78
CA GLY A 152 -27.03 -0.71 -4.71
C GLY A 152 -28.47 -0.43 -4.35
N ARG A 153 -29.06 -1.31 -3.58
CA ARG A 153 -30.46 -1.21 -3.16
C ARG A 153 -30.58 -1.46 -1.68
N LEU A 154 -31.69 -1.00 -1.07
CA LEU A 154 -31.97 -1.25 0.34
C LEU A 154 -33.35 -1.92 0.45
N LEU A 155 -33.41 -3.19 0.89
CA LEU A 155 -34.66 -3.97 0.92
C LEU A 155 -35.15 -4.20 2.35
N LEU A 156 -36.47 -4.20 2.51
CA LEU A 156 -37.18 -4.46 3.76
C LEU A 156 -37.87 -5.82 3.59
N TRP A 157 -37.72 -6.70 4.59
CA TRP A 157 -38.29 -8.05 4.58
C TRP A 157 -39.13 -8.33 5.78
N ASP A 158 -40.04 -9.31 5.64
CA ASP A 158 -40.91 -9.78 6.70
C ASP A 158 -40.31 -11.12 7.24
N THR A 159 -40.01 -11.22 8.55
CA THR A 159 -39.43 -12.45 9.10
C THR A 159 -40.45 -13.59 9.20
N LYS A 160 -41.73 -13.28 9.40
CA LYS A 160 -42.77 -14.30 9.48
C LYS A 160 -42.87 -15.14 8.17
N THR A 161 -42.84 -14.47 6.99
CA THR A 161 -42.95 -15.15 5.68
C THR A 161 -41.59 -15.30 4.96
N MET A 162 -40.53 -14.62 5.44
CA MET A 162 -39.18 -14.58 4.83
C MET A 162 -39.30 -14.05 3.39
N LYS A 163 -40.18 -13.05 3.20
CA LYS A 163 -40.48 -12.42 1.91
C LYS A 163 -40.14 -10.95 1.98
N GLN A 164 -39.68 -10.44 0.85
CA GLN A 164 -39.36 -9.05 0.65
C GLN A 164 -40.70 -8.28 0.65
N GLN A 165 -40.76 -7.12 1.31
CA GLN A 165 -41.96 -6.28 1.36
C GLN A 165 -41.78 -5.08 0.41
N LEU A 166 -40.65 -4.41 0.52
CA LEU A 166 -40.39 -3.23 -0.29
C LEU A 166 -38.92 -2.95 -0.44
N GLN A 167 -38.58 -1.98 -1.29
N GLN A 167 -38.60 -1.98 -1.29
CA GLN A 167 -37.22 -1.50 -1.52
CA GLN A 167 -37.26 -1.49 -1.57
C GLN A 167 -37.28 0.02 -1.35
C GLN A 167 -37.30 0.04 -1.34
N PHE A 168 -36.37 0.59 -0.53
CA PHE A 168 -36.30 2.05 -0.26
C PHE A 168 -35.49 2.70 -1.37
N SER A 169 -36.05 3.74 -2.03
CA SER A 169 -35.30 4.48 -3.05
C SER A 169 -34.18 5.25 -2.37
N LEU A 170 -33.01 5.31 -3.03
CA LEU A 170 -31.83 6.03 -2.53
C LEU A 170 -31.56 7.22 -3.42
N ASP A 171 -31.50 8.39 -2.80
CA ASP A 171 -31.28 9.65 -3.50
C ASP A 171 -29.85 10.18 -3.25
N PRO A 172 -29.17 10.78 -4.26
CA PRO A 172 -29.67 11.11 -5.62
C PRO A 172 -29.69 9.92 -6.59
N GLU A 173 -28.94 8.85 -6.30
CA GLU A 173 -28.83 7.68 -7.18
C GLU A 173 -28.70 6.36 -6.37
N PRO A 174 -29.05 5.18 -6.94
CA PRO A 174 -28.78 3.91 -6.24
C PRO A 174 -27.30 3.80 -5.86
N ILE A 175 -27.01 3.30 -4.67
CA ILE A 175 -25.65 3.23 -4.15
C ILE A 175 -25.52 2.06 -3.18
N ALA A 176 -24.29 1.50 -3.08
CA ALA A 176 -23.99 0.42 -2.15
C ALA A 176 -24.04 0.97 -0.74
N ILE A 177 -24.88 0.36 0.12
CA ILE A 177 -25.04 0.70 1.53
C ILE A 177 -24.08 -0.25 2.25
N ASN A 178 -23.13 0.27 3.03
CA ASN A 178 -22.16 -0.60 3.68
C ASN A 178 -22.56 -1.10 5.03
N CYS A 179 -23.33 -0.30 5.77
CA CYS A 179 -23.63 -0.58 7.15
C CYS A 179 -25.01 -0.09 7.50
N THR A 180 -25.69 -0.81 8.41
CA THR A 180 -27.04 -0.47 8.85
C THR A 180 -27.18 -0.70 10.34
N ALA A 181 -27.93 0.14 11.02
CA ALA A 181 -28.23 -0.07 12.43
C ALA A 181 -29.59 0.48 12.77
N PHE A 182 -30.36 -0.25 13.59
CA PHE A 182 -31.65 0.23 14.06
C PHE A 182 -31.43 0.93 15.37
N ASN A 183 -32.37 1.81 15.79
CA ASN A 183 -32.35 2.40 17.12
C ASN A 183 -33.05 1.36 18.06
N HIS A 184 -33.23 1.70 19.36
CA HIS A 184 -33.78 0.78 20.36
C HIS A 184 -35.18 0.26 20.02
N ASN A 185 -36.15 1.13 19.65
CA ASN A 185 -37.50 0.66 19.36
C ASN A 185 -37.65 0.10 17.94
N GLY A 186 -36.72 0.43 17.05
CA GLY A 186 -36.76 -0.05 15.67
C GLY A 186 -37.51 0.84 14.71
N ASN A 187 -37.95 2.04 15.15
CA ASN A 187 -38.67 2.96 14.29
C ASN A 187 -37.71 3.80 13.41
N LEU A 188 -36.40 3.80 13.72
CA LEU A 188 -35.39 4.47 12.89
C LEU A 188 -34.30 3.48 12.49
N LEU A 189 -33.79 3.63 11.27
CA LEU A 189 -32.69 2.86 10.73
C LEU A 189 -31.66 3.86 10.19
N VAL A 190 -30.41 3.79 10.66
CA VAL A 190 -29.34 4.65 10.16
C VAL A 190 -28.48 3.78 9.26
N THR A 191 -28.07 4.33 8.11
CA THR A 191 -27.29 3.61 7.11
C THR A 191 -26.09 4.45 6.68
N GLY A 192 -25.00 3.77 6.29
CA GLY A 192 -23.82 4.44 5.74
C GLY A 192 -23.55 3.85 4.38
N ALA A 193 -23.16 4.67 3.39
CA ALA A 193 -23.00 4.16 2.02
C ALA A 193 -21.64 4.45 1.40
N ALA A 194 -21.36 3.82 0.25
CA ALA A 194 -20.10 3.97 -0.51
C ALA A 194 -19.87 5.41 -1.04
N ASP A 195 -20.92 6.26 -1.08
CA ASP A 195 -20.78 7.65 -1.55
C ASP A 195 -20.48 8.61 -0.37
N GLY A 196 -20.27 8.06 0.82
CA GLY A 196 -19.99 8.87 2.00
C GLY A 196 -21.20 9.51 2.63
N VAL A 197 -22.40 9.13 2.18
CA VAL A 197 -23.62 9.74 2.69
C VAL A 197 -24.24 8.87 3.78
N ILE A 198 -24.76 9.48 4.86
CA ILE A 198 -25.51 8.79 5.89
C ILE A 198 -26.97 9.08 5.57
N ARG A 199 -27.82 8.03 5.58
CA ARG A 199 -29.27 8.17 5.38
C ARG A 199 -29.99 7.55 6.55
N LEU A 200 -30.88 8.33 7.14
CA LEU A 200 -31.69 7.93 8.26
C LEU A 200 -33.10 7.70 7.74
N PHE A 201 -33.61 6.46 7.94
CA PHE A 201 -34.94 6.09 7.45
C PHE A 201 -35.95 5.94 8.58
N ASP A 202 -37.14 6.55 8.39
CA ASP A 202 -38.29 6.41 9.24
C ASP A 202 -38.89 5.06 8.83
N MET A 203 -38.91 4.06 9.74
CA MET A 203 -39.35 2.69 9.41
C MET A 203 -40.85 2.48 9.51
N GLN A 204 -41.58 3.47 10.00
CA GLN A 204 -43.03 3.43 10.12
C GLN A 204 -43.64 4.01 8.83
N GLN A 205 -43.01 5.08 8.30
CA GLN A 205 -43.47 5.77 7.09
C GLN A 205 -42.74 5.29 5.83
N HIS A 206 -41.65 4.52 5.99
CA HIS A 206 -40.81 3.95 4.91
C HIS A 206 -40.26 5.05 4.00
N GLU A 207 -39.57 6.01 4.58
CA GLU A 207 -38.95 7.10 3.84
C GLU A 207 -37.69 7.62 4.50
N CYS A 208 -36.84 8.29 3.72
CA CYS A 208 -35.62 8.88 4.22
C CYS A 208 -35.99 10.17 4.97
N ALA A 209 -35.81 10.17 6.29
CA ALA A 209 -36.12 11.28 7.17
C ALA A 209 -35.02 12.35 7.11
N MET A 210 -33.73 11.95 6.97
CA MET A 210 -32.53 12.80 6.94
C MET A 210 -31.43 12.13 6.15
N SER A 211 -30.57 12.93 5.53
CA SER A 211 -29.39 12.45 4.83
C SER A 211 -28.41 13.59 4.75
N TRP A 212 -27.12 13.28 4.86
CA TRP A 212 -26.05 14.29 4.80
C TRP A 212 -24.76 13.61 4.37
N ARG A 213 -23.82 14.39 3.83
CA ARG A 213 -22.50 13.92 3.48
C ARG A 213 -21.75 13.80 4.81
N ALA A 214 -21.29 12.59 5.14
CA ALA A 214 -20.63 12.33 6.39
C ALA A 214 -19.09 12.19 6.25
N HIS A 215 -18.64 11.46 5.23
CA HIS A 215 -17.22 11.20 5.01
C HIS A 215 -16.81 11.48 3.57
N TYR A 216 -15.50 11.73 3.37
CA TYR A 216 -14.87 11.88 2.06
C TYR A 216 -14.28 10.49 1.76
N GLY A 217 -15.15 9.63 1.27
CA GLY A 217 -14.89 8.23 1.00
C GLY A 217 -16.05 7.44 1.60
N GLU A 218 -15.92 6.13 1.65
CA GLU A 218 -16.99 5.24 2.13
C GLU A 218 -17.25 5.37 3.61
N VAL A 219 -18.51 5.22 4.01
CA VAL A 219 -18.92 5.13 5.41
C VAL A 219 -18.80 3.64 5.73
N TYR A 220 -18.10 3.28 6.82
CA TYR A 220 -17.87 1.88 7.15
C TYR A 220 -18.80 1.35 8.22
N SER A 221 -19.04 2.10 9.31
CA SER A 221 -19.92 1.70 10.41
C SER A 221 -20.69 2.91 10.90
N VAL A 222 -21.90 2.66 11.40
CA VAL A 222 -22.82 3.66 11.93
C VAL A 222 -23.45 3.06 13.17
N GLU A 223 -23.76 3.89 14.17
CA GLU A 223 -24.43 3.44 15.39
C GLU A 223 -25.15 4.61 16.04
N PHE A 224 -26.29 4.35 16.68
CA PHE A 224 -27.00 5.35 17.47
C PHE A 224 -26.31 5.40 18.82
N SER A 225 -26.27 6.59 19.44
CA SER A 225 -25.71 6.72 20.78
C SER A 225 -26.70 6.07 21.77
N TYR A 226 -26.25 5.77 23.01
CA TYR A 226 -27.10 5.17 24.02
C TYR A 226 -28.35 6.03 24.32
N ASP A 227 -28.21 7.37 24.35
CA ASP A 227 -29.32 8.30 24.60
C ASP A 227 -30.10 8.60 23.31
N GLU A 228 -29.60 8.19 22.15
CA GLU A 228 -30.18 8.33 20.80
C GLU A 228 -30.39 9.81 20.40
N ASN A 229 -29.59 10.70 20.96
CA ASN A 229 -29.60 12.09 20.52
C ASN A 229 -28.57 12.27 19.41
N THR A 230 -27.70 11.26 19.20
CA THR A 230 -26.67 11.33 18.18
C THR A 230 -26.47 10.01 17.43
N VAL A 231 -25.75 10.08 16.30
CA VAL A 231 -25.29 8.92 15.55
C VAL A 231 -23.79 9.03 15.35
N TYR A 232 -23.09 7.91 15.55
CA TYR A 232 -21.66 7.83 15.39
C TYR A 232 -21.35 7.22 14.05
N SER A 233 -20.27 7.69 13.41
CA SER A 233 -19.84 7.10 12.15
C SER A 233 -18.33 7.07 12.07
N ILE A 234 -17.82 6.13 11.28
CA ILE A 234 -16.40 5.93 10.99
C ILE A 234 -16.34 5.70 9.48
N GLY A 235 -15.41 6.35 8.81
CA GLY A 235 -15.30 6.29 7.36
C GLY A 235 -13.91 6.17 6.81
N GLU A 236 -13.80 6.09 5.49
CA GLU A 236 -12.56 5.93 4.73
C GLU A 236 -11.54 7.06 4.96
N ASP A 237 -12.01 8.28 5.25
CA ASP A 237 -11.14 9.42 5.46
C ASP A 237 -10.42 9.37 6.84
N GLY A 238 -10.74 8.33 7.63
CA GLY A 238 -10.11 8.05 8.92
C GLY A 238 -10.73 8.77 10.10
N LYS A 239 -11.88 9.40 9.87
CA LYS A 239 -12.57 10.18 10.89
C LYS A 239 -13.60 9.40 11.66
N PHE A 240 -13.69 9.68 12.96
CA PHE A 240 -14.71 9.18 13.86
C PHE A 240 -15.53 10.42 14.14
N ILE A 241 -16.79 10.44 13.73
CA ILE A 241 -17.64 11.63 13.90
C ILE A 241 -18.91 11.29 14.63
N GLN A 242 -19.33 12.19 15.50
CA GLN A 242 -20.59 12.13 16.23
C GLN A 242 -21.49 13.21 15.64
N TRP A 243 -22.67 12.81 15.15
CA TRP A 243 -23.62 13.71 14.47
C TRP A 243 -24.88 14.01 15.28
N ASN A 244 -25.39 15.20 15.15
CA ASN A 244 -26.63 15.60 15.82
C ASN A 244 -27.82 15.00 15.05
N ILE A 245 -28.59 14.10 15.68
CA ILE A 245 -29.70 13.42 15.02
C ILE A 245 -30.93 14.35 14.82
N HIS A 246 -30.98 15.52 15.49
CA HIS A 246 -32.08 16.48 15.35
C HIS A 246 -31.76 17.60 14.33
N LYS A 247 -30.47 17.72 13.89
CA LYS A 247 -30.03 18.77 12.96
C LYS A 247 -29.09 18.16 11.91
N SER A 248 -29.61 17.95 10.69
CA SER A 248 -28.93 17.24 9.59
C SER A 248 -27.52 17.78 9.26
N GLY A 249 -26.51 16.91 9.37
CA GLY A 249 -25.12 17.24 9.09
C GLY A 249 -24.42 18.11 10.12
N LEU A 250 -25.04 18.35 11.28
CA LEU A 250 -24.44 19.15 12.32
C LEU A 250 -23.63 18.21 13.20
N LYS A 251 -22.33 18.50 13.38
CA LYS A 251 -21.38 17.68 14.13
C LYS A 251 -21.43 17.98 15.61
N VAL A 252 -21.37 16.94 16.43
CA VAL A 252 -21.30 17.16 17.88
C VAL A 252 -19.81 17.14 18.25
N SER A 253 -19.06 16.13 17.72
CA SER A 253 -17.62 15.98 17.94
C SER A 253 -17.02 15.27 16.75
N GLU A 254 -15.70 15.37 16.58
CA GLU A 254 -14.99 14.80 15.43
C GLU A 254 -13.56 14.46 15.84
N TYR A 255 -13.07 13.28 15.45
CA TYR A 255 -11.71 12.85 15.77
C TYR A 255 -11.04 12.15 14.60
N SER A 256 -9.75 12.42 14.42
CA SER A 256 -8.91 11.79 13.40
C SER A 256 -8.35 10.56 14.04
N LEU A 257 -8.80 9.37 13.63
CA LEU A 257 -8.29 8.17 14.27
C LEU A 257 -6.91 7.74 13.74
N PRO A 258 -6.09 6.97 14.50
CA PRO A 258 -4.84 6.45 13.90
C PRO A 258 -5.24 5.62 12.66
N SER A 259 -4.41 5.64 11.62
CA SER A 259 -4.67 4.96 10.35
C SER A 259 -4.97 3.46 10.51
N ASP A 260 -4.40 2.79 11.53
CA ASP A 260 -4.65 1.35 11.71
C ASP A 260 -6.04 1.07 12.34
N ALA A 261 -6.90 2.11 12.52
CA ALA A 261 -8.29 1.95 12.98
C ALA A 261 -9.20 1.69 11.81
N THR A 262 -8.83 2.21 10.60
CA THR A 262 -9.68 2.13 9.40
C THR A 262 -8.99 1.45 8.21
N GLY A 263 -7.71 1.17 8.30
CA GLY A 263 -7.00 0.44 7.25
C GLY A 263 -6.75 1.21 5.96
N PRO A 264 -6.54 0.54 4.78
CA PRO A 264 -6.60 -0.91 4.54
C PRO A 264 -5.71 -1.70 5.48
N PHE A 265 -6.18 -2.84 5.91
CA PHE A 265 -5.46 -3.70 6.84
C PHE A 265 -4.60 -4.62 5.99
N VAL A 266 -3.29 -4.58 6.20
CA VAL A 266 -2.32 -5.30 5.39
C VAL A 266 -1.55 -6.32 6.23
N LEU A 267 -1.44 -7.56 5.72
CA LEU A 267 -0.61 -8.57 6.34
C LEU A 267 0.43 -9.01 5.30
N SER A 268 1.71 -8.65 5.54
CA SER A 268 2.82 -8.96 4.64
C SER A 268 3.65 -10.13 5.14
N GLY A 269 4.57 -10.56 4.29
CA GLY A 269 5.55 -11.60 4.53
C GLY A 269 6.88 -11.18 3.93
N TYR A 270 7.82 -12.09 3.81
CA TYR A 270 9.12 -11.79 3.21
C TYR A 270 9.14 -12.27 1.74
N SER A 271 7.98 -12.78 1.26
CA SER A 271 7.72 -13.39 -0.06
C SER A 271 7.37 -12.39 -1.18
N GLY A 272 6.99 -11.18 -0.80
CA GLY A 272 6.48 -10.18 -1.75
C GLY A 272 4.96 -10.27 -1.73
N TYR A 273 4.44 -11.42 -1.23
CA TYR A 273 3.04 -11.73 -1.10
C TYR A 273 2.44 -11.02 0.12
N LYS A 274 1.28 -10.39 -0.05
CA LYS A 274 0.58 -9.75 1.05
C LYS A 274 -0.92 -9.84 0.86
N GLN A 275 -1.65 -9.81 1.97
CA GLN A 275 -3.10 -9.83 1.95
C GLN A 275 -3.57 -8.44 2.38
N VAL A 276 -4.54 -7.89 1.66
CA VAL A 276 -5.05 -6.54 1.91
C VAL A 276 -6.54 -6.61 2.09
N GLN A 277 -7.04 -6.08 3.20
CA GLN A 277 -8.46 -6.06 3.53
C GLN A 277 -8.96 -4.63 3.77
N VAL A 278 -9.99 -4.21 3.05
CA VAL A 278 -10.64 -2.93 3.36
C VAL A 278 -11.78 -3.25 4.32
N PRO A 279 -12.17 -2.35 5.26
CA PRO A 279 -13.23 -2.71 6.24
C PRO A 279 -14.53 -3.18 5.59
N ARG A 280 -15.06 -4.26 6.14
CA ARG A 280 -16.28 -4.94 5.73
C ARG A 280 -17.17 -5.13 6.97
N GLY A 281 -16.59 -5.58 8.07
CA GLY A 281 -17.34 -5.78 9.30
C GLY A 281 -17.34 -4.53 10.17
N ARG A 282 -17.92 -4.66 11.37
N ARG A 282 -18.04 -4.60 11.33
CA ARG A 282 -18.00 -3.62 12.40
CA ARG A 282 -18.12 -3.45 12.24
C ARG A 282 -16.60 -3.06 12.72
C ARG A 282 -16.71 -3.04 12.72
N LEU A 283 -16.43 -1.72 12.62
CA LEU A 283 -15.14 -1.07 12.93
C LEU A 283 -15.12 -0.51 14.32
N PHE A 284 -16.28 -0.39 14.95
CA PHE A 284 -16.30 0.07 16.32
C PHE A 284 -17.41 -0.68 17.08
N ALA A 285 -17.33 -0.71 18.40
CA ALA A 285 -18.32 -1.36 19.25
C ALA A 285 -18.32 -0.58 20.57
N PHE A 286 -19.41 -0.67 21.33
CA PHE A 286 -19.64 0.15 22.50
C PHE A 286 -19.98 -0.66 23.72
N ASP A 287 -19.68 -0.11 24.90
CA ASP A 287 -20.08 -0.80 26.13
C ASP A 287 -21.60 -0.65 26.29
N SER A 288 -22.19 -1.27 27.34
CA SER A 288 -23.65 -1.29 27.56
C SER A 288 -24.27 0.11 27.67
N GLU A 289 -23.57 1.04 28.31
CA GLU A 289 -24.04 2.41 28.50
C GLU A 289 -23.62 3.36 27.36
N GLY A 290 -22.81 2.91 26.44
CA GLY A 290 -22.31 3.74 25.35
C GLY A 290 -21.40 4.87 25.83
N ASN A 291 -20.57 4.62 26.86
CA ASN A 291 -19.63 5.61 27.37
C ASN A 291 -18.23 5.34 26.85
N TYR A 292 -17.97 4.09 26.38
CA TYR A 292 -16.68 3.64 25.91
C TYR A 292 -16.81 3.03 24.54
N MET A 293 -15.77 3.17 23.74
CA MET A 293 -15.76 2.67 22.40
C MET A 293 -14.49 1.84 22.10
N LEU A 294 -14.68 0.64 21.59
CA LEU A 294 -13.63 -0.29 21.18
C LEU A 294 -13.37 -0.08 19.67
N THR A 295 -12.09 0.05 19.26
CA THR A 295 -11.68 0.23 17.86
C THR A 295 -10.54 -0.78 17.51
N CYS A 296 -10.20 -0.90 16.21
CA CYS A 296 -9.15 -1.79 15.71
C CYS A 296 -7.78 -1.14 15.89
N SER A 297 -6.73 -1.97 15.90
CA SER A 297 -5.33 -1.48 15.83
C SER A 297 -4.50 -2.65 15.37
N ALA A 298 -3.29 -2.36 14.90
CA ALA A 298 -2.40 -3.41 14.38
C ALA A 298 -2.08 -4.50 15.42
N THR A 299 -2.23 -4.17 16.71
CA THR A 299 -1.76 -4.99 17.84
C THR A 299 -2.90 -5.53 18.77
N GLY A 300 -4.11 -5.07 18.57
CA GLY A 300 -5.24 -5.48 19.36
C GLY A 300 -6.26 -4.37 19.48
N GLY A 301 -7.27 -4.59 20.29
CA GLY A 301 -8.32 -3.60 20.52
C GLY A 301 -7.86 -2.40 21.31
N VAL A 302 -8.39 -1.23 20.97
CA VAL A 302 -8.08 0.00 21.68
C VAL A 302 -9.42 0.60 22.08
N ILE A 303 -9.60 0.86 23.38
CA ILE A 303 -10.83 1.45 23.91
C ILE A 303 -10.60 2.94 24.24
N TYR A 304 -11.52 3.81 23.82
CA TYR A 304 -11.52 5.23 24.13
C TYR A 304 -12.73 5.60 24.97
N LYS A 305 -12.58 6.52 25.94
CA LYS A 305 -13.71 7.08 26.68
C LYS A 305 -14.35 8.10 25.74
N LEU A 306 -15.68 8.07 25.59
CA LEU A 306 -16.38 9.02 24.73
C LEU A 306 -16.79 10.27 25.52
N GLY A 307 -16.89 11.40 24.82
CA GLY A 307 -17.31 12.67 25.39
C GLY A 307 -16.21 13.51 26.00
N GLY A 308 -14.97 13.10 25.77
CA GLY A 308 -13.77 13.78 26.27
C GLY A 308 -13.28 14.87 25.35
N LYS A 311 -7.78 19.12 22.93
CA LYS A 311 -9.21 18.88 22.73
C LYS A 311 -9.44 17.71 21.73
N VAL A 312 -8.66 16.62 21.90
CA VAL A 312 -8.74 15.41 21.07
C VAL A 312 -9.14 14.18 21.95
N LEU A 313 -9.11 12.95 21.37
CA LEU A 313 -9.50 11.69 22.02
C LEU A 313 -8.30 10.83 22.41
N GLU A 314 -8.29 10.33 23.66
CA GLU A 314 -7.19 9.51 24.16
C GLU A 314 -7.68 8.17 24.69
N SER A 315 -6.90 7.13 24.32
CA SER A 315 -7.07 5.73 24.66
C SER A 315 -6.97 5.56 26.17
N CYS A 316 -7.85 4.73 26.74
CA CYS A 316 -7.83 4.47 28.19
C CYS A 316 -7.50 3.00 28.45
N LEU A 317 -7.67 2.13 27.44
CA LEU A 317 -7.37 0.71 27.58
C LEU A 317 -6.95 0.13 26.23
N SER A 318 -5.78 -0.54 26.18
CA SER A 318 -5.28 -1.22 24.97
C SER A 318 -5.28 -2.71 25.31
N LEU A 319 -6.12 -3.50 24.65
CA LEU A 319 -6.31 -4.92 24.97
C LEU A 319 -5.17 -5.86 24.52
N GLY A 320 -4.37 -5.44 23.51
CA GLY A 320 -3.26 -6.21 22.95
C GLY A 320 -3.62 -7.62 22.54
N GLY A 321 -2.60 -8.48 22.48
CA GLY A 321 -2.76 -9.90 22.21
C GLY A 321 -2.75 -10.35 20.77
N HIS A 322 -2.66 -9.41 19.81
CA HIS A 322 -2.66 -9.82 18.39
C HIS A 322 -1.30 -9.67 17.73
N ARG A 323 -0.99 -10.57 16.78
CA ARG A 323 0.28 -10.55 16.03
C ARG A 323 0.05 -10.22 14.53
N ALA A 324 -1.18 -9.84 14.20
CA ALA A 324 -1.61 -9.50 12.85
C ALA A 324 -2.68 -8.41 13.04
N PRO A 325 -2.92 -7.51 12.05
CA PRO A 325 -3.89 -6.41 12.26
C PRO A 325 -5.32 -6.85 12.64
N VAL A 326 -5.92 -6.14 13.61
CA VAL A 326 -7.31 -6.35 14.00
C VAL A 326 -8.15 -5.63 12.92
N VAL A 327 -9.13 -6.34 12.33
CA VAL A 327 -9.98 -5.85 11.23
C VAL A 327 -11.46 -5.68 11.63
N THR A 328 -11.89 -6.28 12.74
CA THR A 328 -13.29 -6.19 13.14
C THR A 328 -13.39 -6.45 14.62
N VAL A 329 -14.33 -5.76 15.27
CA VAL A 329 -14.50 -5.84 16.73
C VAL A 329 -15.97 -6.05 17.11
N ASP A 330 -16.22 -6.53 18.33
CA ASP A 330 -17.55 -6.61 18.93
C ASP A 330 -17.42 -6.43 20.43
N TRP A 331 -18.46 -5.93 21.07
CA TRP A 331 -18.48 -5.74 22.54
C TRP A 331 -19.88 -6.13 22.99
N SER A 332 -20.02 -7.14 23.85
CA SER A 332 -21.34 -7.51 24.38
C SER A 332 -21.32 -7.55 25.88
N THR A 333 -22.45 -7.28 26.51
CA THR A 333 -22.62 -7.31 27.97
C THR A 333 -23.76 -8.28 28.29
N ALA A 334 -23.50 -9.24 29.19
CA ALA A 334 -24.46 -10.25 29.61
C ALA A 334 -24.10 -10.66 31.00
N MET A 335 -25.12 -10.75 31.89
CA MET A 335 -25.01 -11.08 33.32
C MET A 335 -24.02 -10.16 34.01
N ASP A 336 -24.08 -8.85 33.68
CA ASP A 336 -23.24 -7.76 34.22
C ASP A 336 -21.73 -8.12 34.08
N CYS A 337 -21.36 -8.56 32.90
CA CYS A 337 -19.99 -8.93 32.53
C CYS A 337 -19.85 -8.65 31.03
N GLY A 338 -18.91 -7.79 30.70
CA GLY A 338 -18.64 -7.38 29.32
C GLY A 338 -17.60 -8.26 28.67
N THR A 339 -17.78 -8.52 27.39
CA THR A 339 -16.87 -9.33 26.56
C THR A 339 -16.51 -8.57 25.27
N CYS A 340 -15.20 -8.35 25.03
CA CYS A 340 -14.68 -7.72 23.80
C CYS A 340 -14.12 -8.75 22.86
N LEU A 341 -14.58 -8.72 21.61
CA LEU A 341 -14.05 -9.57 20.56
C LEU A 341 -13.16 -8.72 19.68
N THR A 342 -11.93 -9.19 19.40
CA THR A 342 -10.99 -8.56 18.49
C THR A 342 -10.55 -9.67 17.53
N ALA A 343 -10.72 -9.44 16.23
CA ALA A 343 -10.45 -10.45 15.21
C ALA A 343 -9.41 -9.93 14.22
N SER A 344 -8.42 -10.78 13.90
CA SER A 344 -7.30 -10.36 13.06
C SER A 344 -7.15 -11.15 11.75
N MET A 345 -6.22 -10.64 10.91
CA MET A 345 -5.94 -11.16 9.58
C MET A 345 -5.32 -12.57 9.55
N ASP A 346 -4.79 -13.08 10.67
CA ASP A 346 -4.27 -14.45 10.76
C ASP A 346 -5.41 -15.44 11.15
N GLY A 347 -6.62 -14.90 11.39
CA GLY A 347 -7.79 -15.69 11.74
C GLY A 347 -8.06 -15.83 13.21
N LYS A 348 -7.17 -15.29 14.04
CA LYS A 348 -7.30 -15.34 15.50
C LYS A 348 -8.36 -14.36 16.03
N ILE A 349 -9.18 -14.84 17.00
CA ILE A 349 -10.19 -14.02 17.66
C ILE A 349 -9.87 -14.04 19.14
N LYS A 350 -9.56 -12.86 19.72
CA LYS A 350 -9.29 -12.69 21.15
C LYS A 350 -10.54 -12.23 21.84
N LEU A 351 -10.82 -12.86 22.96
CA LEU A 351 -11.99 -12.62 23.77
C LEU A 351 -11.49 -12.09 25.12
N THR A 352 -11.68 -10.78 25.36
CA THR A 352 -11.24 -10.09 26.57
C THR A 352 -12.45 -9.83 27.47
N THR A 353 -12.40 -10.33 28.74
CA THR A 353 -13.49 -10.18 29.71
C THR A 353 -13.23 -8.93 30.53
N LEU A 354 -14.20 -8.00 30.51
CA LEU A 354 -14.09 -6.73 31.19
C LEU A 354 -15.18 -6.58 32.22
N LEU A 355 -14.80 -6.24 33.47
CA LEU A 355 -15.72 -5.97 34.58
C LEU A 355 -15.73 -4.46 34.80
N ALA A 356 -16.94 -3.87 34.90
CA ALA A 356 -17.23 -2.43 35.09
C ALA A 356 -16.37 -1.77 36.19
N GLN B 21 2.29 -19.87 -36.54
CA GLN B 21 3.17 -20.70 -37.37
C GLN B 21 4.53 -21.01 -36.69
N PRO B 22 5.06 -20.23 -35.69
CA PRO B 22 6.36 -20.61 -35.09
C PRO B 22 6.32 -21.92 -34.31
N PHE B 23 5.18 -22.16 -33.63
CA PHE B 23 4.92 -23.33 -32.78
C PHE B 23 3.53 -23.90 -32.97
N ILE B 24 3.43 -25.23 -32.81
CA ILE B 24 2.18 -25.98 -32.80
C ILE B 24 1.93 -26.42 -31.34
N VAL B 25 0.74 -26.12 -30.81
CA VAL B 25 0.33 -26.47 -29.46
C VAL B 25 -0.15 -27.93 -29.46
N LEU B 26 0.66 -28.86 -28.92
CA LEU B 26 0.31 -30.28 -28.89
C LEU B 26 -0.72 -30.56 -27.77
N GLY B 27 -0.68 -29.77 -26.71
CA GLY B 27 -1.61 -29.89 -25.59
C GLY B 27 -1.34 -28.95 -24.42
N GLN B 28 -2.37 -28.78 -23.59
CA GLN B 28 -2.32 -27.96 -22.38
C GLN B 28 -2.94 -28.77 -21.25
N GLU B 29 -2.18 -29.03 -20.20
CA GLU B 29 -2.65 -29.77 -19.04
C GLU B 29 -2.57 -28.87 -17.80
N GLU B 30 -3.24 -29.25 -16.71
CA GLU B 30 -3.21 -28.49 -15.49
C GLU B 30 -2.76 -29.30 -14.28
N TYR B 31 -1.91 -28.72 -13.45
CA TYR B 31 -1.47 -29.32 -12.21
C TYR B 31 -2.06 -28.45 -11.11
N GLY B 32 -2.97 -29.03 -10.31
CA GLY B 32 -3.69 -28.32 -9.27
C GLY B 32 -3.52 -28.79 -7.84
N GLU B 33 -2.38 -29.42 -7.50
CA GLU B 33 -2.16 -29.88 -6.13
C GLU B 33 -1.94 -28.70 -5.16
N HIS B 34 -1.41 -27.56 -5.63
CA HIS B 34 -1.23 -26.39 -4.76
C HIS B 34 -2.59 -25.73 -4.51
N HIS B 35 -2.76 -25.18 -3.31
CA HIS B 35 -4.02 -24.52 -2.96
C HIS B 35 -3.80 -23.05 -2.63
N SER B 36 -2.57 -22.57 -2.82
CA SER B 36 -2.20 -21.18 -2.58
C SER B 36 -1.46 -20.61 -3.75
N SER B 37 -1.38 -19.27 -3.83
CA SER B 37 -0.66 -18.57 -4.89
C SER B 37 0.76 -19.13 -5.10
N ILE B 38 1.16 -19.34 -6.35
CA ILE B 38 2.47 -19.90 -6.67
C ILE B 38 3.55 -18.83 -6.57
N MET B 39 4.69 -19.17 -5.98
CA MET B 39 5.84 -18.30 -5.85
C MET B 39 6.88 -18.61 -6.93
N HIS B 40 7.23 -19.91 -7.09
CA HIS B 40 8.23 -20.43 -8.02
C HIS B 40 7.81 -21.76 -8.62
N CYS B 41 8.15 -22.01 -9.89
CA CYS B 41 7.97 -23.31 -10.53
C CYS B 41 9.04 -23.44 -11.60
N ARG B 42 9.91 -24.41 -11.41
CA ARG B 42 11.07 -24.63 -12.25
C ARG B 42 11.18 -26.07 -12.65
N VAL B 43 11.55 -26.28 -13.89
CA VAL B 43 11.78 -27.61 -14.47
C VAL B 43 13.24 -27.96 -14.15
N ASP B 44 13.49 -29.24 -13.80
CA ASP B 44 14.83 -29.75 -13.48
C ASP B 44 15.73 -29.74 -14.74
N CYS B 45 17.02 -30.10 -14.57
N CYS B 45 17.02 -30.06 -14.60
CA CYS B 45 18.05 -30.13 -15.61
CA CYS B 45 17.94 -29.99 -15.74
C CYS B 45 17.74 -31.16 -16.71
C CYS B 45 17.75 -31.17 -16.74
N SER B 46 17.02 -32.24 -16.36
CA SER B 46 16.66 -33.34 -17.26
C SER B 46 15.40 -33.00 -18.10
N GLY B 47 14.70 -31.94 -17.72
CA GLY B 47 13.49 -31.47 -18.39
C GLY B 47 12.28 -32.35 -18.13
N ARG B 48 12.35 -33.22 -17.10
CA ARG B 48 11.26 -34.15 -16.82
C ARG B 48 10.64 -33.98 -15.42
N ARG B 49 11.12 -33.01 -14.60
CA ARG B 49 10.55 -32.82 -13.26
C ARG B 49 10.33 -31.36 -12.99
N VAL B 50 9.30 -31.05 -12.22
CA VAL B 50 9.05 -29.67 -11.80
C VAL B 50 9.11 -29.61 -10.27
N ALA B 51 9.66 -28.51 -9.74
CA ALA B 51 9.63 -28.17 -8.33
C ALA B 51 8.85 -26.89 -8.30
N SER B 52 7.75 -26.89 -7.54
CA SER B 52 6.89 -25.74 -7.43
C SER B 52 6.66 -25.42 -5.95
N LEU B 53 6.72 -24.14 -5.63
CA LEU B 53 6.61 -23.62 -4.27
C LEU B 53 5.51 -22.60 -4.22
N ASP B 54 4.59 -22.76 -3.28
CA ASP B 54 3.50 -21.81 -3.06
C ASP B 54 3.83 -20.91 -1.83
N VAL B 55 2.98 -19.89 -1.56
CA VAL B 55 3.16 -18.87 -0.53
C VAL B 55 2.94 -19.45 0.91
N ASP B 56 2.24 -20.62 1.04
CA ASP B 56 2.07 -21.32 2.33
C ASP B 56 3.33 -22.15 2.69
N GLY B 57 4.33 -22.17 1.83
CA GLY B 57 5.54 -22.96 2.04
C GLY B 57 5.44 -24.43 1.62
N VAL B 58 4.41 -24.81 0.85
CA VAL B 58 4.27 -26.17 0.33
C VAL B 58 5.18 -26.30 -0.90
N ILE B 59 6.13 -27.24 -0.87
CA ILE B 59 7.01 -27.58 -1.98
C ILE B 59 6.47 -28.86 -2.59
N LYS B 60 6.25 -28.87 -3.90
CA LYS B 60 5.82 -30.08 -4.62
C LYS B 60 6.83 -30.41 -5.70
N VAL B 61 7.21 -31.70 -5.79
CA VAL B 61 8.08 -32.21 -6.84
C VAL B 61 7.23 -33.14 -7.69
N TRP B 62 7.16 -32.88 -9.01
CA TRP B 62 6.26 -33.68 -9.82
C TRP B 62 6.75 -33.91 -11.23
N SER B 63 6.28 -35.02 -11.79
CA SER B 63 6.48 -35.47 -13.17
C SER B 63 5.28 -34.98 -14.01
N PHE B 64 5.44 -34.85 -15.34
CA PHE B 64 4.38 -34.44 -16.27
C PHE B 64 4.39 -35.25 -17.59
N ASN B 65 5.48 -35.96 -17.91
CA ASN B 65 5.58 -36.79 -19.13
C ASN B 65 5.82 -38.25 -18.66
N PRO B 66 4.88 -39.17 -18.92
CA PRO B 66 3.70 -39.08 -19.79
C PRO B 66 2.43 -38.51 -19.13
N ILE B 67 2.38 -38.49 -17.79
CA ILE B 67 1.22 -38.02 -17.02
C ILE B 67 1.69 -37.18 -15.84
N MET B 68 0.80 -36.35 -15.30
CA MET B 68 1.05 -35.58 -14.10
C MET B 68 1.00 -36.52 -12.92
N GLN B 69 2.08 -36.51 -12.13
CA GLN B 69 2.24 -37.37 -10.97
C GLN B 69 3.17 -36.70 -9.97
N THR B 70 2.69 -36.58 -8.73
CA THR B 70 3.46 -36.01 -7.61
C THR B 70 4.47 -37.05 -7.14
N LYS B 71 5.73 -36.64 -7.04
CA LYS B 71 6.83 -37.49 -6.60
C LYS B 71 7.18 -37.22 -5.15
N ALA B 72 7.00 -35.96 -4.69
CA ALA B 72 7.30 -35.55 -3.33
C ALA B 72 6.47 -34.33 -2.99
N SER B 73 6.11 -34.23 -1.71
CA SER B 73 5.28 -33.15 -1.19
C SER B 73 5.73 -32.88 0.23
N SER B 74 6.05 -31.62 0.56
CA SER B 74 6.49 -31.26 1.90
C SER B 74 6.06 -29.85 2.29
N ILE B 75 5.69 -29.70 3.55
CA ILE B 75 5.29 -28.44 4.15
C ILE B 75 6.51 -27.98 4.94
N SER B 76 6.98 -26.77 4.65
CA SER B 76 8.11 -26.18 5.34
C SER B 76 7.60 -25.50 6.59
N LYS B 77 8.32 -25.66 7.73
CA LYS B 77 7.97 -24.99 8.99
C LYS B 77 8.31 -23.51 8.80
N SER B 78 9.52 -23.25 8.29
CA SER B 78 10.07 -21.93 8.01
C SER B 78 9.63 -21.39 6.64
N PRO B 79 9.49 -20.05 6.48
CA PRO B 79 9.11 -19.51 5.15
C PRO B 79 10.17 -19.81 4.08
N LEU B 80 9.74 -20.08 2.81
CA LEU B 80 10.68 -20.35 1.72
C LEU B 80 10.55 -19.25 0.67
N LEU B 81 11.69 -18.72 0.18
CA LEU B 81 11.68 -17.60 -0.76
C LEU B 81 12.31 -17.89 -2.12
N SER B 82 13.14 -18.94 -2.24
CA SER B 82 13.84 -19.24 -3.49
C SER B 82 14.06 -20.73 -3.63
N LEU B 83 14.31 -21.18 -4.84
CA LEU B 83 14.41 -22.59 -5.17
C LEU B 83 15.32 -22.69 -6.40
N GLU B 84 16.21 -23.68 -6.44
CA GLU B 84 17.10 -23.88 -7.58
C GLU B 84 17.44 -25.34 -7.69
N TRP B 85 17.33 -25.89 -8.90
CA TRP B 85 17.68 -27.29 -9.16
C TRP B 85 19.20 -27.39 -9.39
N ALA B 86 19.80 -28.51 -8.94
CA ALA B 86 21.22 -28.80 -9.16
C ALA B 86 21.39 -29.08 -10.65
N THR B 87 22.56 -28.76 -11.21
CA THR B 87 22.81 -28.87 -12.65
C THR B 87 23.34 -30.25 -13.09
N LYS B 88 24.12 -30.96 -12.24
CA LYS B 88 24.69 -32.27 -12.60
C LYS B 88 24.05 -33.41 -11.81
N ARG B 89 23.57 -33.13 -10.60
CA ARG B 89 22.90 -34.12 -9.76
C ARG B 89 21.39 -33.81 -9.82
N ASP B 90 20.74 -34.29 -10.90
CA ASP B 90 19.32 -34.06 -11.27
C ASP B 90 18.33 -33.98 -10.12
N ARG B 91 18.47 -34.87 -9.13
CA ARG B 91 17.57 -35.06 -8.00
C ARG B 91 17.77 -34.09 -6.87
N LEU B 92 18.87 -33.32 -6.85
CA LEU B 92 19.13 -32.40 -5.75
C LEU B 92 18.50 -31.06 -6.02
N LEU B 93 17.92 -30.48 -4.98
CA LEU B 93 17.20 -29.22 -5.05
C LEU B 93 17.62 -28.32 -3.88
N LEU B 94 17.99 -27.09 -4.16
CA LEU B 94 18.36 -26.13 -3.13
C LEU B 94 17.14 -25.28 -2.83
N LEU B 95 16.88 -25.05 -1.54
CA LEU B 95 15.76 -24.26 -1.05
C LEU B 95 16.29 -23.14 -0.17
N GLY B 96 15.93 -21.92 -0.48
CA GLY B 96 16.33 -20.75 0.29
C GLY B 96 15.18 -20.29 1.15
N SER B 97 15.45 -20.08 2.47
CA SER B 97 14.39 -19.69 3.40
C SER B 97 14.38 -18.20 3.68
N GLY B 98 13.45 -17.80 4.54
CA GLY B 98 13.30 -16.44 5.01
C GLY B 98 13.83 -16.32 6.43
N VAL B 99 14.61 -17.34 6.87
CA VAL B 99 15.23 -17.44 8.21
C VAL B 99 16.76 -17.66 8.09
N GLY B 100 17.34 -17.19 6.98
CA GLY B 100 18.77 -17.25 6.73
C GLY B 100 19.37 -18.64 6.58
N THR B 101 18.67 -19.56 5.89
CA THR B 101 19.20 -20.92 5.70
C THR B 101 19.03 -21.40 4.26
N VAL B 102 19.88 -22.33 3.84
CA VAL B 102 19.81 -22.99 2.55
C VAL B 102 19.67 -24.47 2.89
N ARG B 103 18.64 -25.13 2.39
CA ARG B 103 18.36 -26.54 2.58
C ARG B 103 18.71 -27.26 1.29
N LEU B 104 19.49 -28.34 1.37
CA LEU B 104 19.78 -29.16 0.22
C LEU B 104 18.84 -30.36 0.34
N TYR B 105 17.86 -30.47 -0.56
CA TYR B 105 16.84 -31.52 -0.51
C TYR B 105 17.01 -32.56 -1.63
N ASP B 106 17.10 -33.84 -1.25
CA ASP B 106 17.21 -34.95 -2.21
C ASP B 106 15.76 -35.39 -2.55
N THR B 107 15.30 -35.07 -3.77
CA THR B 107 13.93 -35.33 -4.23
C THR B 107 13.67 -36.81 -4.50
N GLU B 108 14.73 -37.63 -4.65
CA GLU B 108 14.60 -39.06 -4.85
C GLU B 108 14.46 -39.78 -3.49
N ALA B 109 15.34 -39.46 -2.52
CA ALA B 109 15.28 -40.04 -1.18
C ALA B 109 14.21 -39.39 -0.29
N LYS B 110 13.60 -38.27 -0.75
CA LYS B 110 12.57 -37.51 -0.03
C LYS B 110 13.12 -37.07 1.35
N LYS B 111 14.37 -36.53 1.39
CA LYS B 111 15.00 -36.08 2.63
C LYS B 111 16.06 -34.98 2.41
N ASN B 112 16.23 -34.13 3.44
CA ASN B 112 17.22 -33.06 3.45
C ASN B 112 18.59 -33.66 3.70
N LEU B 113 19.59 -33.29 2.88
CA LEU B 113 20.96 -33.78 3.02
C LEU B 113 21.74 -32.89 3.96
N CYS B 114 21.33 -31.61 4.07
CA CYS B 114 21.86 -30.64 5.02
C CYS B 114 21.11 -29.31 4.96
N GLU B 115 21.34 -28.49 5.99
CA GLU B 115 20.80 -27.16 6.14
C GLU B 115 21.94 -26.31 6.70
N ILE B 116 22.42 -25.37 5.87
CA ILE B 116 23.53 -24.51 6.26
C ILE B 116 22.98 -23.12 6.63
N ASN B 117 23.48 -22.54 7.71
CA ASN B 117 23.06 -21.23 8.24
C ASN B 117 23.90 -20.07 7.72
N ILE B 118 23.20 -18.98 7.39
CA ILE B 118 23.77 -17.69 6.97
C ILE B 118 23.53 -16.74 8.18
N ASN B 119 24.53 -16.69 9.07
CA ASN B 119 24.46 -15.91 10.30
C ASN B 119 25.04 -14.52 10.05
N ASP B 120 24.22 -13.60 9.49
CA ASP B 120 24.67 -12.25 9.17
C ASP B 120 23.59 -11.17 9.41
N ASN B 121 22.44 -11.56 10.03
CA ASN B 121 21.25 -10.71 10.25
C ASN B 121 20.58 -10.37 8.89
N MET B 122 20.68 -11.32 7.93
CA MET B 122 20.14 -11.25 6.57
C MET B 122 19.38 -12.55 6.27
N PRO B 123 18.14 -12.64 6.77
CA PRO B 123 17.42 -13.91 6.69
C PRO B 123 16.78 -14.23 5.33
N ARG B 124 16.57 -13.22 4.48
CA ARG B 124 15.90 -13.42 3.20
C ARG B 124 16.84 -13.98 2.10
N ILE B 125 16.75 -15.28 1.83
CA ILE B 125 17.52 -15.91 0.75
C ILE B 125 16.70 -15.70 -0.53
N LEU B 126 16.95 -14.59 -1.21
CA LEU B 126 16.16 -14.15 -2.36
C LEU B 126 16.52 -14.84 -3.67
N SER B 127 17.74 -15.34 -3.83
CA SER B 127 18.13 -15.94 -5.11
C SER B 127 19.15 -17.03 -4.89
N LEU B 128 19.10 -18.07 -5.72
CA LEU B 128 20.00 -19.22 -5.73
C LEU B 128 20.35 -19.53 -7.18
N ALA B 129 21.62 -19.80 -7.48
CA ALA B 129 21.99 -20.15 -8.87
C ALA B 129 23.11 -21.16 -8.84
N CYS B 130 22.94 -22.29 -9.51
CA CYS B 130 23.93 -23.35 -9.58
C CYS B 130 24.80 -23.15 -10.79
N SER B 131 26.13 -23.26 -10.62
CA SER B 131 27.03 -23.14 -11.76
C SER B 131 26.81 -24.34 -12.70
N PRO B 132 26.88 -24.13 -14.04
CA PRO B 132 26.68 -25.23 -14.99
C PRO B 132 27.54 -26.47 -14.78
N ASN B 133 28.79 -26.33 -14.33
CA ASN B 133 29.69 -27.48 -14.18
C ASN B 133 29.42 -28.32 -12.89
N GLY B 134 28.46 -27.87 -12.07
CA GLY B 134 28.06 -28.59 -10.87
C GLY B 134 28.92 -28.39 -9.63
N ALA B 135 30.02 -27.60 -9.71
CA ALA B 135 30.96 -27.43 -8.59
C ALA B 135 30.59 -26.28 -7.62
N SER B 136 29.72 -25.34 -7.99
CA SER B 136 29.42 -24.25 -7.04
C SER B 136 28.01 -23.73 -7.18
N PHE B 137 27.60 -22.86 -6.26
CA PHE B 137 26.33 -22.19 -6.32
C PHE B 137 26.47 -20.82 -5.66
N VAL B 138 25.63 -19.88 -6.07
CA VAL B 138 25.65 -18.58 -5.46
C VAL B 138 24.33 -18.37 -4.79
N CYS B 139 24.31 -17.59 -3.75
CA CYS B 139 23.07 -17.23 -3.14
C CYS B 139 23.11 -15.78 -2.67
N SER B 140 21.97 -15.07 -2.80
CA SER B 140 21.86 -13.72 -2.27
C SER B 140 21.07 -13.80 -0.96
N ALA B 141 21.52 -13.08 0.07
CA ALA B 141 20.92 -13.03 1.40
C ALA B 141 20.68 -11.57 1.71
N ALA B 142 19.45 -11.21 2.09
CA ALA B 142 19.15 -9.80 2.36
C ALA B 142 18.50 -9.56 3.73
N ALA B 143 18.61 -8.34 4.23
CA ALA B 143 17.98 -7.89 5.48
C ALA B 143 16.44 -7.74 5.27
N PRO B 144 15.58 -7.68 6.34
CA PRO B 144 14.12 -7.45 6.10
C PRO B 144 13.87 -6.17 5.26
N SER B 145 12.88 -6.22 4.36
CA SER B 145 12.58 -5.17 3.36
C SER B 145 11.85 -3.88 3.88
N LEU B 146 12.48 -3.11 4.78
CA LEU B 146 11.89 -1.87 5.28
C LEU B 146 11.82 -0.76 4.18
N THR B 147 12.84 -0.71 3.30
CA THR B 147 12.99 0.20 2.16
C THR B 147 13.67 -0.64 1.05
N SER B 148 13.80 -0.09 -0.16
CA SER B 148 14.46 -0.79 -1.27
C SER B 148 15.99 -0.67 -1.14
N GLN B 149 16.46 0.19 -0.20
CA GLN B 149 17.87 0.46 0.08
C GLN B 149 18.45 -0.46 1.17
N VAL B 150 17.68 -1.46 1.69
CA VAL B 150 18.18 -2.37 2.74
C VAL B 150 19.41 -3.21 2.25
N PRO B 151 20.38 -3.45 3.15
CA PRO B 151 21.57 -4.24 2.76
C PRO B 151 21.28 -5.69 2.38
N GLY B 152 22.17 -6.21 1.53
CA GLY B 152 22.17 -7.58 1.08
C GLY B 152 23.58 -8.02 0.76
N ARG B 153 23.76 -9.33 0.62
CA ARG B 153 25.05 -9.94 0.31
C ARG B 153 24.93 -10.94 -0.80
N LEU B 154 26.06 -11.25 -1.47
CA LEU B 154 26.15 -12.23 -2.54
C LEU B 154 27.26 -13.21 -2.16
N LEU B 155 26.90 -14.49 -1.95
CA LEU B 155 27.82 -15.52 -1.46
C LEU B 155 28.10 -16.61 -2.48
N LEU B 156 29.34 -17.12 -2.47
CA LEU B 156 29.76 -18.19 -3.34
C LEU B 156 30.00 -19.43 -2.47
N TRP B 157 29.41 -20.57 -2.84
CA TRP B 157 29.50 -21.84 -2.09
C TRP B 157 30.08 -22.92 -2.92
N ASP B 158 30.64 -23.92 -2.26
CA ASP B 158 31.25 -25.10 -2.86
C ASP B 158 30.26 -26.28 -2.69
N THR B 159 29.78 -26.90 -3.77
CA THR B 159 28.79 -28.00 -3.68
C THR B 159 29.35 -29.29 -3.06
N LYS B 160 30.65 -29.55 -3.24
CA LYS B 160 31.31 -30.72 -2.70
C LYS B 160 31.23 -30.77 -1.16
N THR B 161 31.57 -29.65 -0.48
CA THR B 161 31.58 -29.56 0.99
C THR B 161 30.33 -28.89 1.57
N MET B 162 29.54 -28.17 0.73
CA MET B 162 28.36 -27.37 1.12
C MET B 162 28.82 -26.27 2.09
N LYS B 163 30.00 -25.69 1.81
CA LYS B 163 30.61 -24.62 2.60
C LYS B 163 30.76 -23.38 1.73
N GLN B 164 30.68 -22.21 2.37
CA GLN B 164 30.83 -20.91 1.76
C GLN B 164 32.33 -20.75 1.43
N GLN B 165 32.66 -20.22 0.25
CA GLN B 165 34.04 -19.93 -0.13
C GLN B 165 34.30 -18.43 0.10
N LEU B 166 33.45 -17.59 -0.44
CA LEU B 166 33.62 -16.16 -0.34
C LEU B 166 32.33 -15.42 -0.47
N GLN B 167 32.37 -14.10 -0.21
N GLN B 167 32.39 -14.11 -0.22
CA GLN B 167 31.27 -13.17 -0.40
CA GLN B 167 31.31 -13.15 -0.36
C GLN B 167 31.77 -12.05 -1.31
C GLN B 167 31.80 -12.06 -1.33
N PHE B 168 30.98 -11.67 -2.31
CA PHE B 168 31.33 -10.61 -3.27
C PHE B 168 30.90 -9.26 -2.70
N SER B 169 31.81 -8.28 -2.72
CA SER B 169 31.48 -6.92 -2.30
C SER B 169 30.60 -6.29 -3.38
N LEU B 170 29.61 -5.52 -2.95
CA LEU B 170 28.64 -4.88 -3.83
C LEU B 170 28.82 -3.38 -3.71
N ASP B 171 29.03 -2.72 -4.84
CA ASP B 171 29.29 -1.29 -4.93
C ASP B 171 28.07 -0.52 -5.49
N PRO B 172 27.75 0.66 -4.94
CA PRO B 172 28.51 1.41 -3.93
C PRO B 172 28.27 0.96 -2.49
N GLU B 173 27.20 0.21 -2.27
CA GLU B 173 26.80 -0.22 -0.93
C GLU B 173 26.22 -1.64 -0.97
N PRO B 174 26.19 -2.37 0.18
CA PRO B 174 25.47 -3.65 0.23
C PRO B 174 24.00 -3.43 -0.17
N ILE B 175 23.41 -4.37 -0.91
CA ILE B 175 22.06 -4.25 -1.46
C ILE B 175 21.51 -5.63 -1.73
N ALA B 176 20.17 -5.75 -1.69
CA ALA B 176 19.48 -7.00 -1.97
C ALA B 176 19.56 -7.35 -3.43
N ILE B 177 20.04 -8.55 -3.74
CA ILE B 177 20.13 -9.09 -5.11
C ILE B 177 18.86 -9.94 -5.28
N ASN B 178 18.01 -9.56 -6.23
CA ASN B 178 16.75 -10.25 -6.47
C ASN B 178 16.87 -11.45 -7.37
N CYS B 179 17.78 -11.39 -8.35
CA CYS B 179 17.91 -12.39 -9.39
C CYS B 179 19.33 -12.57 -9.82
N THR B 180 19.66 -13.78 -10.26
CA THR B 180 21.00 -14.18 -10.69
C THR B 180 20.87 -15.14 -11.84
N ALA B 181 21.84 -15.13 -12.76
CA ALA B 181 21.88 -16.11 -13.85
C ALA B 181 23.31 -16.30 -14.29
N PHE B 182 23.74 -17.53 -14.52
CA PHE B 182 25.08 -17.82 -15.02
C PHE B 182 25.03 -17.88 -16.53
N ASN B 183 26.17 -17.65 -17.23
CA ASN B 183 26.19 -17.85 -18.67
C ASN B 183 26.37 -19.40 -18.91
N HIS B 184 26.47 -19.85 -20.17
CA HIS B 184 26.58 -21.29 -20.49
C HIS B 184 27.81 -21.98 -19.85
N ASN B 185 28.99 -21.37 -19.89
CA ASN B 185 30.18 -22.01 -19.30
C ASN B 185 30.27 -21.80 -17.78
N GLY B 186 29.67 -20.73 -17.27
CA GLY B 186 29.70 -20.43 -15.84
C GLY B 186 30.76 -19.44 -15.41
N ASN B 187 31.53 -18.86 -16.35
CA ASN B 187 32.58 -17.89 -16.03
C ASN B 187 32.01 -16.49 -15.76
N LEU B 188 30.72 -16.27 -16.09
CA LEU B 188 30.02 -15.03 -15.85
C LEU B 188 28.72 -15.29 -15.12
N LEU B 189 28.36 -14.37 -14.23
CA LEU B 189 27.13 -14.39 -13.46
C LEU B 189 26.53 -12.99 -13.53
N VAL B 190 25.32 -12.87 -14.07
CA VAL B 190 24.62 -11.58 -14.15
C VAL B 190 23.63 -11.50 -12.99
N THR B 191 23.52 -10.31 -12.39
CA THR B 191 22.62 -10.10 -11.25
C THR B 191 21.77 -8.84 -11.45
N GLY B 192 20.61 -8.81 -10.79
CA GLY B 192 19.74 -7.65 -10.75
C GLY B 192 19.41 -7.36 -9.31
N ALA B 193 19.49 -6.08 -8.88
CA ALA B 193 19.32 -5.74 -7.47
C ALA B 193 18.14 -4.78 -7.19
N ALA B 194 17.80 -4.60 -5.91
CA ALA B 194 16.71 -3.71 -5.45
C ALA B 194 16.96 -2.20 -5.74
N ASP B 195 18.23 -1.83 -6.01
CA ASP B 195 18.57 -0.45 -6.35
C ASP B 195 18.44 -0.19 -7.85
N GLY B 196 18.02 -1.20 -8.61
CA GLY B 196 17.86 -1.08 -10.06
C GLY B 196 19.13 -1.24 -10.86
N VAL B 197 20.22 -1.64 -10.22
CA VAL B 197 21.52 -1.82 -10.87
C VAL B 197 21.74 -3.29 -11.28
N ILE B 198 22.31 -3.50 -12.48
CA ILE B 198 22.72 -4.82 -12.95
C ILE B 198 24.23 -4.89 -12.75
N ARG B 199 24.74 -5.97 -12.14
CA ARG B 199 26.16 -6.24 -11.89
C ARG B 199 26.50 -7.56 -12.53
N LEU B 200 27.52 -7.54 -13.39
CA LEU B 200 28.05 -8.69 -14.09
C LEU B 200 29.34 -9.09 -13.38
N PHE B 201 29.42 -10.33 -12.90
CA PHE B 201 30.59 -10.83 -12.16
C PHE B 201 31.38 -11.83 -12.94
N ASP B 202 32.70 -11.65 -12.91
CA ASP B 202 33.69 -12.56 -13.47
C ASP B 202 33.90 -13.64 -12.38
N MET B 203 33.49 -14.88 -12.66
CA MET B 203 33.50 -15.97 -11.69
C MET B 203 34.82 -16.68 -11.59
N GLN B 204 35.80 -16.29 -12.38
CA GLN B 204 37.15 -16.84 -12.33
C GLN B 204 38.05 -15.92 -11.49
N GLN B 205 37.88 -14.59 -11.63
CA GLN B 205 38.65 -13.58 -10.90
C GLN B 205 37.96 -13.12 -9.61
N HIS B 206 36.65 -13.43 -9.48
CA HIS B 206 35.77 -13.09 -8.34
C HIS B 206 35.66 -11.59 -8.18
N GLU B 207 35.25 -10.91 -9.24
CA GLU B 207 35.08 -9.46 -9.23
C GLU B 207 33.98 -9.02 -10.16
N CYS B 208 33.46 -7.82 -9.94
CA CYS B 208 32.43 -7.21 -10.76
C CYS B 208 33.14 -6.68 -12.00
N ALA B 209 32.82 -7.26 -13.16
CA ALA B 209 33.43 -6.87 -14.43
C ALA B 209 32.75 -5.62 -15.00
N MET B 210 31.42 -5.50 -14.81
CA MET B 210 30.57 -4.45 -15.35
C MET B 210 29.36 -4.22 -14.46
N SER B 211 28.85 -2.97 -14.43
CA SER B 211 27.63 -2.63 -13.71
C SER B 211 27.03 -1.34 -14.26
N TRP B 212 25.70 -1.24 -14.27
CA TRP B 212 25.02 -0.02 -14.76
C TRP B 212 23.60 0.06 -14.16
N ARG B 213 23.04 1.27 -14.11
CA ARG B 213 21.69 1.49 -13.65
C ARG B 213 20.79 0.98 -14.79
N ALA B 214 19.97 -0.04 -14.53
CA ALA B 214 19.16 -0.65 -15.58
C ALA B 214 17.69 -0.24 -15.54
N HIS B 215 17.12 -0.13 -14.34
CA HIS B 215 15.71 0.17 -14.18
C HIS B 215 15.49 1.20 -13.11
N TYR B 216 14.36 1.91 -13.22
CA TYR B 216 13.83 2.78 -12.20
C TYR B 216 13.02 1.79 -11.36
N GLY B 217 13.37 1.66 -10.11
CA GLY B 217 12.78 0.64 -9.28
C GLY B 217 13.63 -0.61 -9.38
N GLU B 218 13.19 -1.69 -8.73
CA GLU B 218 13.92 -2.95 -8.64
C GLU B 218 14.04 -3.71 -9.95
N VAL B 219 15.11 -4.50 -10.06
CA VAL B 219 15.30 -5.42 -11.20
C VAL B 219 14.71 -6.73 -10.71
N TYR B 220 13.90 -7.43 -11.53
CA TYR B 220 13.24 -8.69 -11.14
C TYR B 220 13.85 -9.95 -11.76
N SER B 221 14.19 -9.94 -13.05
CA SER B 221 14.79 -11.08 -13.73
C SER B 221 15.84 -10.58 -14.67
N VAL B 222 16.86 -11.41 -14.91
CA VAL B 222 18.00 -11.16 -15.76
C VAL B 222 18.33 -12.45 -16.46
N GLU B 223 18.83 -12.39 -17.69
CA GLU B 223 19.23 -13.58 -18.43
C GLU B 223 20.20 -13.19 -19.52
N PHE B 224 21.14 -14.07 -19.85
CA PHE B 224 22.07 -13.91 -20.97
C PHE B 224 21.34 -14.31 -22.24
N SER B 225 21.56 -13.62 -23.35
CA SER B 225 20.98 -14.05 -24.62
C SER B 225 21.69 -15.38 -25.03
N TYR B 226 21.14 -16.09 -26.01
CA TYR B 226 21.70 -17.36 -26.48
C TYR B 226 23.15 -17.20 -27.02
N ASP B 227 23.44 -16.10 -27.76
CA ASP B 227 24.79 -15.86 -28.28
C ASP B 227 25.68 -15.20 -27.21
N GLU B 228 25.09 -14.74 -26.12
CA GLU B 228 25.74 -14.12 -24.95
C GLU B 228 26.44 -12.79 -25.30
N ASN B 229 25.89 -12.08 -26.32
CA ASN B 229 26.36 -10.75 -26.65
C ASN B 229 25.49 -9.75 -25.90
N THR B 230 24.38 -10.21 -25.34
CA THR B 230 23.49 -9.34 -24.59
C THR B 230 22.94 -9.99 -23.33
N VAL B 231 22.39 -9.17 -22.46
CA VAL B 231 21.65 -9.58 -21.28
C VAL B 231 20.30 -8.92 -21.37
N TYR B 232 19.27 -9.65 -21.00
CA TYR B 232 17.90 -9.20 -20.97
C TYR B 232 17.55 -8.94 -19.52
N SER B 233 16.79 -7.88 -19.27
CA SER B 233 16.32 -7.61 -17.92
C SER B 233 14.86 -7.16 -17.98
N ILE B 234 14.16 -7.31 -16.86
CA ILE B 234 12.78 -6.87 -16.68
C ILE B 234 12.75 -6.28 -15.27
N GLY B 235 12.09 -5.14 -15.08
CA GLY B 235 12.09 -4.45 -13.80
C GLY B 235 10.80 -3.78 -13.39
N GLU B 236 10.85 -3.10 -12.25
CA GLU B 236 9.71 -2.44 -11.63
C GLU B 236 9.10 -1.32 -12.51
N ASP B 237 9.90 -0.68 -13.39
CA ASP B 237 9.42 0.39 -14.27
C ASP B 237 8.58 -0.15 -15.45
N GLY B 238 8.41 -1.47 -15.49
CA GLY B 238 7.61 -2.18 -16.49
C GLY B 238 8.32 -2.41 -17.79
N LYS B 239 9.62 -2.15 -17.82
CA LYS B 239 10.36 -2.26 -19.06
C LYS B 239 11.10 -3.57 -19.21
N PHE B 240 11.14 -4.05 -20.44
CA PHE B 240 11.91 -5.20 -20.83
C PHE B 240 13.05 -4.60 -21.65
N ILE B 241 14.28 -4.79 -21.21
CA ILE B 241 15.41 -4.16 -21.90
C ILE B 241 16.47 -5.18 -22.28
N GLN B 242 17.07 -4.97 -23.45
CA GLN B 242 18.17 -5.80 -23.94
C GLN B 242 19.43 -4.93 -23.91
N TRP B 243 20.46 -5.39 -23.22
CA TRP B 243 21.69 -4.62 -23.03
C TRP B 243 22.90 -5.18 -23.75
N ASN B 244 23.74 -4.32 -24.28
CA ASN B 244 24.98 -4.70 -24.93
C ASN B 244 26.00 -5.07 -23.82
N ILE B 245 26.44 -6.35 -23.79
CA ILE B 245 27.34 -6.88 -22.75
C ILE B 245 28.81 -6.40 -22.96
N HIS B 246 29.14 -5.81 -24.11
CA HIS B 246 30.49 -5.31 -24.38
C HIS B 246 30.64 -3.80 -24.12
N LYS B 247 29.53 -3.09 -23.81
CA LYS B 247 29.52 -1.64 -23.58
C LYS B 247 28.50 -1.33 -22.49
N SER B 248 28.98 -1.10 -21.23
CA SER B 248 28.18 -0.90 -20.00
C SER B 248 27.06 0.16 -20.13
N GLY B 249 25.80 -0.28 -19.95
CA GLY B 249 24.63 0.59 -20.04
C GLY B 249 24.14 0.92 -21.44
N LEU B 250 24.76 0.32 -22.47
CA LEU B 250 24.28 0.57 -23.83
C LEU B 250 23.17 -0.40 -24.15
N LYS B 251 21.98 0.14 -24.44
CA LYS B 251 20.80 -0.63 -24.80
C LYS B 251 20.84 -1.06 -26.25
N VAL B 252 20.31 -2.23 -26.54
CA VAL B 252 20.18 -2.71 -27.91
C VAL B 252 18.73 -2.41 -28.34
N SER B 253 17.77 -2.74 -27.46
CA SER B 253 16.34 -2.55 -27.62
C SER B 253 15.71 -2.38 -26.24
N GLU B 254 14.52 -1.78 -26.17
CA GLU B 254 13.83 -1.47 -24.93
C GLU B 254 12.32 -1.50 -25.24
N TYR B 255 11.53 -2.18 -24.40
CA TYR B 255 10.10 -2.25 -24.64
C TYR B 255 9.34 -2.04 -23.38
N SER B 256 8.23 -1.34 -23.49
CA SER B 256 7.31 -1.10 -22.40
C SER B 256 6.30 -2.24 -22.50
N LEU B 257 6.42 -3.22 -21.59
CA LEU B 257 5.50 -4.37 -21.61
C LEU B 257 4.15 -3.98 -21.02
N PRO B 258 3.05 -4.74 -21.28
CA PRO B 258 1.77 -4.42 -20.61
C PRO B 258 2.01 -4.54 -19.09
N SER B 259 1.29 -3.78 -18.28
CA SER B 259 1.51 -3.78 -16.83
C SER B 259 1.28 -5.17 -16.18
N ASP B 260 0.41 -6.03 -16.74
CA ASP B 260 0.16 -7.37 -16.18
C ASP B 260 1.36 -8.34 -16.40
N ALA B 261 2.46 -7.88 -17.08
CA ALA B 261 3.69 -8.66 -17.22
C ALA B 261 4.58 -8.48 -15.98
N THR B 262 4.50 -7.31 -15.29
CA THR B 262 5.37 -7.01 -14.15
C THR B 262 4.61 -6.76 -12.83
N GLY B 263 3.30 -6.63 -12.88
CA GLY B 263 2.44 -6.43 -11.72
C GLY B 263 2.63 -5.11 -10.97
N PRO B 264 2.45 -5.06 -9.63
CA PRO B 264 2.14 -6.16 -8.69
C PRO B 264 0.90 -6.92 -9.14
N PHE B 265 0.91 -8.24 -9.00
CA PHE B 265 -0.20 -9.09 -9.44
C PHE B 265 -1.21 -9.12 -8.32
N VAL B 266 -2.46 -8.79 -8.63
CA VAL B 266 -3.54 -8.67 -7.65
C VAL B 266 -4.66 -9.66 -7.93
N LEU B 267 -5.09 -10.40 -6.91
CA LEU B 267 -6.25 -11.27 -7.04
C LEU B 267 -7.29 -10.77 -6.02
N SER B 268 -8.45 -10.27 -6.52
CA SER B 268 -9.52 -9.73 -5.67
C SER B 268 -10.67 -10.71 -5.44
N GLY B 269 -11.46 -10.39 -4.44
CA GLY B 269 -12.70 -11.08 -4.10
C GLY B 269 -13.83 -10.07 -4.13
N TYR B 270 -14.95 -10.42 -3.54
CA TYR B 270 -16.14 -9.56 -3.44
C TYR B 270 -16.25 -9.11 -1.97
N SER B 271 -15.27 -9.55 -1.16
CA SER B 271 -15.14 -9.38 0.29
C SER B 271 -14.43 -8.09 0.73
N GLY B 272 -13.80 -7.40 -0.21
CA GLY B 272 -12.96 -6.23 0.07
C GLY B 272 -11.53 -6.71 0.21
N TYR B 273 -11.39 -8.03 0.39
CA TYR B 273 -10.16 -8.77 0.55
C TYR B 273 -9.49 -9.04 -0.79
N LYS B 274 -8.18 -8.76 -0.88
CA LYS B 274 -7.40 -9.07 -2.07
C LYS B 274 -6.01 -9.56 -1.71
N GLN B 275 -5.42 -10.38 -2.57
CA GLN B 275 -4.06 -10.86 -2.40
C GLN B 275 -3.20 -10.12 -3.45
N VAL B 276 -2.01 -9.70 -3.05
CA VAL B 276 -1.08 -8.94 -3.89
C VAL B 276 0.25 -9.66 -3.87
N GLN B 277 0.81 -9.90 -5.05
CA GLN B 277 2.10 -10.52 -5.21
C GLN B 277 3.02 -9.56 -5.98
N VAL B 278 4.08 -9.12 -5.33
CA VAL B 278 5.11 -8.33 -5.96
C VAL B 278 6.03 -9.40 -6.64
N PRO B 279 6.53 -9.22 -7.90
CA PRO B 279 7.36 -10.27 -8.53
C PRO B 279 8.49 -10.80 -7.64
N ARG B 280 8.59 -12.14 -7.56
CA ARG B 280 9.56 -12.87 -6.75
C ARG B 280 10.19 -13.96 -7.62
N GLY B 281 9.37 -14.72 -8.33
CA GLY B 281 9.86 -15.75 -9.23
C GLY B 281 10.21 -15.20 -10.60
N ARG B 282 10.75 -16.05 -11.48
N ARG B 282 10.76 -16.06 -11.48
CA ARG B 282 11.13 -15.71 -12.86
CA ARG B 282 11.13 -15.82 -12.88
C ARG B 282 9.95 -15.09 -13.61
C ARG B 282 9.97 -15.15 -13.67
N LEU B 283 10.18 -13.93 -14.21
CA LEU B 283 9.15 -13.18 -14.96
C LEU B 283 9.20 -13.44 -16.46
N PHE B 284 10.31 -13.97 -16.96
CA PHE B 284 10.41 -14.32 -18.38
C PHE B 284 11.13 -15.66 -18.53
N ALA B 285 10.92 -16.36 -19.61
CA ALA B 285 11.59 -17.62 -19.89
C ALA B 285 11.76 -17.69 -21.41
N PHE B 286 12.71 -18.48 -21.87
CA PHE B 286 13.08 -18.51 -23.29
C PHE B 286 13.07 -19.89 -23.89
N ASP B 287 12.85 -19.98 -25.20
CA ASP B 287 12.91 -21.27 -25.89
C ASP B 287 14.40 -21.70 -25.93
N SER B 288 14.68 -22.96 -26.33
CA SER B 288 16.04 -23.52 -26.36
C SER B 288 17.07 -22.64 -27.11
N GLU B 289 16.65 -22.07 -28.22
CA GLU B 289 17.47 -21.24 -29.09
C GLU B 289 17.49 -19.75 -28.70
N GLY B 290 16.67 -19.34 -27.74
CA GLY B 290 16.59 -17.95 -27.31
C GLY B 290 16.07 -17.00 -28.39
N ASN B 291 15.16 -17.49 -29.26
CA ASN B 291 14.52 -16.70 -30.31
C ASN B 291 13.17 -16.15 -29.88
N TYR B 292 12.56 -16.75 -28.82
CA TYR B 292 11.24 -16.40 -28.32
C TYR B 292 11.26 -16.29 -26.82
N MET B 293 10.39 -15.41 -26.28
CA MET B 293 10.30 -15.18 -24.85
C MET B 293 8.84 -15.32 -24.35
N LEU B 294 8.65 -16.06 -23.25
CA LEU B 294 7.39 -16.30 -22.54
C LEU B 294 7.31 -15.26 -21.40
N THR B 295 6.15 -14.61 -21.20
CA THR B 295 5.95 -13.60 -20.16
C THR B 295 4.59 -13.82 -19.50
N CYS B 296 4.35 -13.16 -18.35
CA CYS B 296 3.09 -13.26 -17.60
C CYS B 296 2.01 -12.37 -18.21
N SER B 297 0.73 -12.69 -17.97
CA SER B 297 -0.42 -11.84 -18.31
C SER B 297 -1.54 -12.29 -17.40
N ALA B 298 -2.58 -11.48 -17.25
CA ALA B 298 -3.69 -11.81 -16.36
C ALA B 298 -4.41 -13.14 -16.75
N THR B 299 -4.29 -13.56 -18.00
CA THR B 299 -5.02 -14.69 -18.60
C THR B 299 -4.13 -15.91 -19.03
N GLY B 300 -2.81 -15.79 -18.97
CA GLY B 300 -1.91 -16.87 -19.33
C GLY B 300 -0.60 -16.36 -19.87
N GLY B 301 0.23 -17.28 -20.35
CA GLY B 301 1.51 -16.90 -20.93
C GLY B 301 1.36 -16.23 -22.28
N VAL B 302 2.23 -15.26 -22.56
CA VAL B 302 2.26 -14.52 -23.83
C VAL B 302 3.69 -14.65 -24.33
N ILE B 303 3.86 -15.10 -25.58
CA ILE B 303 5.18 -15.28 -26.19
C ILE B 303 5.42 -14.19 -27.23
N TYR B 304 6.61 -13.61 -27.23
CA TYR B 304 7.06 -12.60 -28.20
C TYR B 304 8.26 -13.15 -28.95
N LYS B 305 8.33 -12.88 -30.24
CA LYS B 305 9.50 -13.21 -31.05
C LYS B 305 10.52 -12.14 -30.70
N LEU B 306 11.76 -12.53 -30.40
CA LEU B 306 12.76 -11.54 -30.03
C LEU B 306 13.35 -10.85 -31.27
N VAL B 312 8.59 -1.12 -31.79
CA VAL B 312 7.80 -1.84 -30.80
C VAL B 312 7.89 -3.39 -31.00
N LEU B 313 7.67 -4.16 -29.91
CA LEU B 313 7.67 -5.64 -29.87
C LEU B 313 6.23 -6.14 -29.85
N GLU B 314 5.92 -7.18 -30.66
CA GLU B 314 4.56 -7.71 -30.77
C GLU B 314 4.49 -9.21 -30.49
N SER B 315 3.38 -9.61 -29.85
CA SER B 315 3.04 -10.97 -29.41
C SER B 315 2.72 -11.86 -30.60
N CYS B 316 3.25 -13.09 -30.61
CA CYS B 316 2.99 -14.05 -31.67
C CYS B 316 2.15 -15.25 -31.17
N LEU B 317 2.08 -15.48 -29.83
CA LEU B 317 1.31 -16.60 -29.29
C LEU B 317 0.85 -16.32 -27.85
N SER B 318 -0.46 -16.53 -27.57
CA SER B 318 -1.05 -16.37 -26.22
C SER B 318 -1.49 -17.78 -25.80
N LEU B 319 -1.06 -18.26 -24.64
CA LEU B 319 -1.33 -19.64 -24.23
C LEU B 319 -2.66 -19.83 -23.48
N GLY B 320 -3.20 -18.74 -22.93
CA GLY B 320 -4.47 -18.72 -22.18
C GLY B 320 -4.58 -19.77 -21.10
N GLY B 321 -5.81 -20.02 -20.66
CA GLY B 321 -6.14 -21.07 -19.70
C GLY B 321 -6.07 -20.72 -18.22
N HIS B 322 -5.90 -19.43 -17.87
CA HIS B 322 -5.82 -19.02 -16.46
C HIS B 322 -6.96 -18.12 -16.08
N ARG B 323 -7.54 -18.35 -14.88
CA ARG B 323 -8.65 -17.54 -14.35
C ARG B 323 -8.16 -16.55 -13.26
N ALA B 324 -6.86 -16.56 -12.99
CA ALA B 324 -6.22 -15.69 -12.01
C ALA B 324 -4.91 -15.23 -12.60
N PRO B 325 -4.32 -14.08 -12.17
CA PRO B 325 -3.07 -13.62 -12.79
C PRO B 325 -1.90 -14.61 -12.78
N VAL B 326 -1.16 -14.71 -13.90
CA VAL B 326 0.06 -15.50 -14.00
C VAL B 326 1.15 -14.63 -13.36
N VAL B 327 1.90 -15.21 -12.38
CA VAL B 327 2.95 -14.51 -11.60
C VAL B 327 4.36 -15.02 -11.92
N THR B 328 4.50 -16.24 -12.46
CA THR B 328 5.83 -16.77 -12.76
C THR B 328 5.68 -17.77 -13.90
N VAL B 329 6.73 -17.92 -14.71
CA VAL B 329 6.76 -18.76 -15.91
C VAL B 329 8.07 -19.59 -15.99
N ASP B 330 8.07 -20.65 -16.82
CA ASP B 330 9.27 -21.42 -17.16
C ASP B 330 9.08 -22.02 -18.54
N TRP B 331 10.18 -22.31 -19.24
CA TRP B 331 10.11 -22.91 -20.59
C TRP B 331 11.25 -23.86 -20.68
N SER B 332 10.99 -25.18 -20.83
CA SER B 332 12.08 -26.15 -20.97
C SER B 332 11.91 -26.97 -22.25
N THR B 333 13.00 -27.51 -22.79
CA THR B 333 12.98 -28.32 -24.00
C THR B 333 13.71 -29.63 -23.75
N ALA B 334 13.03 -30.75 -24.03
CA ALA B 334 13.54 -32.11 -23.88
C ALA B 334 12.92 -32.97 -24.95
N MET B 335 13.76 -33.76 -25.65
CA MET B 335 13.40 -34.70 -26.72
C MET B 335 12.68 -34.00 -27.87
N ASP B 336 13.26 -32.86 -28.33
CA ASP B 336 12.77 -32.00 -29.43
C ASP B 336 11.29 -31.57 -29.22
N CYS B 337 10.92 -31.32 -27.97
CA CYS B 337 9.57 -30.91 -27.57
C CYS B 337 9.67 -29.96 -26.38
N GLY B 338 9.15 -28.75 -26.57
CA GLY B 338 9.15 -27.70 -25.57
C GLY B 338 7.98 -27.76 -24.63
N THR B 339 8.17 -27.26 -23.43
CA THR B 339 7.16 -27.24 -22.36
C THR B 339 7.14 -25.87 -21.69
N CYS B 340 5.98 -25.19 -21.70
CA CYS B 340 5.76 -23.90 -21.04
C CYS B 340 5.00 -24.08 -19.75
N LEU B 341 5.53 -23.55 -18.62
CA LEU B 341 4.85 -23.55 -17.34
C LEU B 341 4.37 -22.13 -17.09
N THR B 342 3.09 -21.96 -16.76
CA THR B 342 2.50 -20.68 -16.39
C THR B 342 1.79 -20.94 -15.07
N ALA B 343 2.16 -20.22 -14.01
CA ALA B 343 1.65 -20.43 -12.65
C ALA B 343 0.89 -19.19 -12.15
N SER B 344 -0.34 -19.40 -11.64
CA SER B 344 -1.18 -18.27 -11.23
C SER B 344 -1.46 -18.17 -9.71
N MET B 345 -2.09 -17.06 -9.32
CA MET B 345 -2.41 -16.72 -7.92
C MET B 345 -3.50 -17.62 -7.29
N ASP B 346 -4.25 -18.38 -8.07
CA ASP B 346 -5.23 -19.36 -7.56
C ASP B 346 -4.55 -20.72 -7.24
N GLY B 347 -3.26 -20.82 -7.53
CA GLY B 347 -2.46 -22.02 -7.27
C GLY B 347 -2.31 -22.97 -8.43
N LYS B 348 -2.98 -22.69 -9.56
CA LYS B 348 -2.96 -23.54 -10.74
C LYS B 348 -1.71 -23.34 -11.60
N ILE B 349 -1.20 -24.43 -12.18
CA ILE B 349 -0.05 -24.42 -13.07
C ILE B 349 -0.47 -25.07 -14.38
N LYS B 350 -0.45 -24.28 -15.47
CA LYS B 350 -0.75 -24.81 -16.80
C LYS B 350 0.55 -25.19 -17.47
N LEU B 351 0.55 -26.36 -18.08
CA LEU B 351 1.70 -26.92 -18.75
C LEU B 351 1.29 -27.06 -20.21
N THR B 352 1.88 -26.22 -21.07
CA THR B 352 1.60 -26.17 -22.50
C THR B 352 2.75 -26.85 -23.26
N THR B 353 2.42 -27.84 -24.10
CA THR B 353 3.40 -28.58 -24.89
C THR B 353 3.50 -27.90 -26.24
N LEU B 354 4.72 -27.50 -26.62
CA LEU B 354 4.97 -26.82 -27.89
C LEU B 354 5.97 -27.58 -28.75
N LEU B 355 5.58 -27.89 -30.00
CA LEU B 355 6.51 -28.48 -30.96
C LEU B 355 7.01 -27.31 -31.80
N ALA B 356 8.33 -27.05 -31.75
CA ALA B 356 9.09 -25.97 -32.43
C ALA B 356 8.56 -25.63 -33.84
N PRO C 22 21.60 26.16 21.48
CA PRO C 22 20.14 26.08 21.34
C PRO C 22 19.62 24.67 21.05
N PHE C 23 20.42 23.83 20.36
CA PHE C 23 19.99 22.47 20.01
C PHE C 23 21.02 21.41 20.35
N ILE C 24 20.53 20.20 20.67
CA ILE C 24 21.37 19.03 20.92
C ILE C 24 21.00 18.00 19.85
N VAL C 25 21.97 17.70 18.96
CA VAL C 25 21.83 16.74 17.86
C VAL C 25 21.70 15.32 18.46
N LEU C 26 20.48 14.76 18.45
CA LEU C 26 20.20 13.43 19.01
C LEU C 26 20.73 12.33 18.09
N GLY C 27 20.62 12.56 16.78
CA GLY C 27 21.09 11.64 15.76
C GLY C 27 20.83 12.10 14.34
N GLN C 28 21.32 11.31 13.37
CA GLN C 28 21.18 11.54 11.93
C GLN C 28 21.06 10.18 11.21
N GLU C 29 19.93 9.97 10.53
CA GLU C 29 19.62 8.77 9.75
C GLU C 29 19.60 9.10 8.25
N GLU C 30 19.63 8.08 7.38
CA GLU C 30 19.61 8.33 5.93
C GLU C 30 18.55 7.51 5.19
N TYR C 31 17.78 8.20 4.33
CA TYR C 31 16.80 7.60 3.44
C TYR C 31 17.46 7.67 2.06
N GLY C 32 17.84 6.51 1.53
CA GLY C 32 18.53 6.42 0.26
C GLY C 32 17.84 5.67 -0.87
N GLU C 33 16.48 5.73 -0.92
CA GLU C 33 15.72 5.07 -1.99
C GLU C 33 15.78 5.82 -3.34
N HIS C 34 15.83 7.18 -3.34
CA HIS C 34 15.94 7.96 -4.58
C HIS C 34 17.37 7.86 -5.12
N HIS C 35 17.52 7.60 -6.42
CA HIS C 35 18.86 7.45 -7.01
C HIS C 35 19.21 8.63 -7.95
N SER C 36 18.43 9.72 -7.86
CA SER C 36 18.67 10.97 -8.61
C SER C 36 18.29 12.16 -7.72
N SER C 37 18.78 13.36 -8.08
CA SER C 37 18.60 14.65 -7.41
C SER C 37 17.17 14.89 -6.89
N ILE C 38 17.05 15.29 -5.61
CA ILE C 38 15.77 15.53 -4.96
C ILE C 38 15.21 16.89 -5.36
N MET C 39 13.97 16.90 -5.87
CA MET C 39 13.24 18.10 -6.25
C MET C 39 12.56 18.65 -4.99
N HIS C 40 11.80 17.77 -4.29
CA HIS C 40 11.06 18.11 -3.09
C HIS C 40 11.11 17.00 -2.04
N CYS C 41 11.11 17.40 -0.76
CA CYS C 41 11.00 16.54 0.40
C CYS C 41 10.34 17.34 1.54
N ARG C 42 9.07 16.98 1.81
CA ARG C 42 8.25 17.65 2.81
C ARG C 42 7.68 16.68 3.82
N VAL C 43 7.69 17.11 5.10
CA VAL C 43 7.10 16.37 6.21
C VAL C 43 5.59 16.67 6.18
N ASP C 44 4.73 15.66 6.48
CA ASP C 44 3.27 15.85 6.54
C ASP C 44 2.94 16.73 7.79
N CYS C 45 1.67 17.11 7.98
N CYS C 45 1.66 17.09 7.97
CA CYS C 45 1.28 17.96 9.12
CA CYS C 45 1.25 17.95 9.08
C CYS C 45 1.28 17.18 10.44
C CYS C 45 1.17 17.17 10.42
N SER C 46 1.32 15.83 10.39
CA SER C 46 1.35 15.00 11.62
C SER C 46 2.80 14.89 12.15
N GLY C 47 3.78 15.30 11.33
CA GLY C 47 5.21 15.29 11.62
C GLY C 47 5.80 13.90 11.75
N ARG C 48 5.23 12.90 11.04
CA ARG C 48 5.63 11.49 11.08
C ARG C 48 5.87 10.85 9.71
N ARG C 49 5.47 11.55 8.62
CA ARG C 49 5.59 11.05 7.25
C ARG C 49 6.28 12.06 6.36
N VAL C 50 6.98 11.56 5.33
CA VAL C 50 7.70 12.38 4.36
C VAL C 50 7.24 12.02 2.94
N ALA C 51 7.11 13.03 2.07
CA ALA C 51 6.82 12.88 0.67
C ALA C 51 8.02 13.51 -0.07
N SER C 52 8.74 12.68 -0.83
CA SER C 52 9.91 13.12 -1.57
C SER C 52 9.79 12.76 -3.06
N LEU C 53 10.15 13.72 -3.90
CA LEU C 53 10.10 13.59 -5.35
C LEU C 53 11.49 13.83 -5.92
N ASP C 54 11.98 12.94 -6.81
CA ASP C 54 13.27 13.16 -7.45
C ASP C 54 13.08 13.65 -8.93
N VAL C 55 14.19 14.09 -9.58
CA VAL C 55 14.23 14.67 -10.93
C VAL C 55 13.92 13.63 -12.07
N ASP C 56 13.53 12.39 -11.71
CA ASP C 56 13.19 11.33 -12.69
C ASP C 56 11.68 10.93 -12.58
N GLY C 57 10.92 11.72 -11.80
CA GLY C 57 9.49 11.53 -11.56
C GLY C 57 9.13 10.49 -10.51
N VAL C 58 10.11 10.04 -9.73
CA VAL C 58 9.90 9.04 -8.67
C VAL C 58 9.42 9.75 -7.41
N ILE C 59 8.20 9.40 -6.97
CA ILE C 59 7.53 9.91 -5.77
C ILE C 59 7.61 8.83 -4.71
N LYS C 60 7.92 9.24 -3.48
CA LYS C 60 8.03 8.30 -2.35
C LYS C 60 7.42 8.87 -1.11
N VAL C 61 6.67 8.00 -0.39
CA VAL C 61 6.05 8.31 0.90
C VAL C 61 6.71 7.37 1.91
N TRP C 62 7.24 7.91 3.00
CA TRP C 62 7.93 7.11 3.98
C TRP C 62 7.82 7.68 5.40
N SER C 63 7.90 6.79 6.40
CA SER C 63 7.88 7.18 7.82
C SER C 63 9.33 7.16 8.32
N PHE C 64 9.59 7.71 9.51
CA PHE C 64 10.94 7.75 10.04
C PHE C 64 10.98 7.37 11.54
N ASN C 65 9.82 7.38 12.23
CA ASN C 65 9.75 7.02 13.64
C ASN C 65 8.64 5.97 13.91
N PRO C 66 8.92 4.85 14.62
CA PRO C 66 10.22 4.46 15.22
C PRO C 66 11.25 3.95 14.20
N ILE C 67 10.75 3.38 13.08
CA ILE C 67 11.57 2.83 12.00
C ILE C 67 11.39 3.60 10.68
N MET C 68 12.46 3.63 9.87
CA MET C 68 12.47 4.22 8.53
C MET C 68 11.88 3.18 7.59
N GLN C 69 10.68 3.47 7.04
CA GLN C 69 9.95 2.55 6.18
C GLN C 69 9.27 3.26 5.01
N THR C 70 9.39 2.67 3.81
CA THR C 70 8.75 3.16 2.59
C THR C 70 7.30 2.68 2.64
N LYS C 71 6.37 3.63 2.68
CA LYS C 71 4.94 3.34 2.77
C LYS C 71 4.32 3.22 1.38
N ALA C 72 4.84 4.00 0.40
CA ALA C 72 4.39 4.03 -1.00
C ALA C 72 5.51 4.56 -1.89
N SER C 73 5.59 4.03 -3.13
CA SER C 73 6.59 4.43 -4.13
C SER C 73 6.01 4.31 -5.53
N SER C 74 6.13 5.39 -6.33
CA SER C 74 5.60 5.46 -7.69
C SER C 74 6.58 6.16 -8.65
N ILE C 75 6.69 5.64 -9.89
CA ILE C 75 7.50 6.21 -10.95
C ILE C 75 6.53 6.78 -12.00
N SER C 76 6.20 8.08 -11.84
CA SER C 76 5.26 8.82 -12.69
C SER C 76 5.63 8.76 -14.17
N LYS C 77 4.62 8.56 -15.04
CA LYS C 77 4.84 8.53 -16.50
C LYS C 77 4.92 9.97 -17.05
N SER C 78 4.14 10.89 -16.44
CA SER C 78 4.13 12.31 -16.80
C SER C 78 5.06 13.11 -15.84
N PRO C 79 5.73 14.20 -16.30
CA PRO C 79 6.66 14.93 -15.42
C PRO C 79 5.99 15.63 -14.22
N LEU C 80 6.52 15.43 -13.00
CA LEU C 80 5.98 16.11 -11.81
C LEU C 80 6.90 17.27 -11.40
N LEU C 81 6.31 18.36 -10.90
CA LEU C 81 7.08 19.57 -10.55
C LEU C 81 6.86 20.06 -9.12
N SER C 82 5.70 19.80 -8.52
CA SER C 82 5.43 20.29 -7.16
C SER C 82 4.70 19.25 -6.30
N LEU C 83 4.85 19.41 -5.00
CA LEU C 83 4.37 18.53 -3.95
C LEU C 83 3.86 19.44 -2.82
N GLU C 84 2.74 19.05 -2.18
CA GLU C 84 2.15 19.76 -1.04
C GLU C 84 1.22 18.82 -0.23
N TRP C 85 1.36 18.84 1.09
CA TRP C 85 0.52 18.02 1.98
C TRP C 85 -0.76 18.79 2.37
N ALA C 86 -1.87 18.07 2.66
CA ALA C 86 -3.11 18.66 3.18
C ALA C 86 -2.84 19.07 4.64
N THR C 87 -3.43 20.20 5.08
CA THR C 87 -3.20 20.78 6.40
C THR C 87 -4.05 20.12 7.52
N LYS C 88 -5.33 19.76 7.25
CA LYS C 88 -6.21 19.15 8.26
C LYS C 88 -6.45 17.64 8.02
N ARG C 89 -6.31 17.17 6.78
CA ARG C 89 -6.51 15.76 6.44
C ARG C 89 -5.12 15.18 6.06
N ASP C 90 -4.29 14.93 7.11
CA ASP C 90 -2.88 14.50 7.12
C ASP C 90 -2.44 13.59 5.93
N ARG C 91 -3.19 12.50 5.68
CA ARG C 91 -2.88 11.49 4.67
C ARG C 91 -2.97 12.02 3.22
N LEU C 92 -3.58 13.21 2.99
CA LEU C 92 -3.76 13.71 1.62
C LEU C 92 -2.56 14.53 1.14
N LEU C 93 -2.14 14.20 -0.08
CA LEU C 93 -1.01 14.79 -0.79
C LEU C 93 -1.43 15.29 -2.18
N LEU C 94 -1.07 16.55 -2.51
CA LEU C 94 -1.29 17.16 -3.82
C LEU C 94 0.00 17.07 -4.61
N LEU C 95 -0.10 16.65 -5.86
CA LEU C 95 1.04 16.51 -6.77
C LEU C 95 0.79 17.33 -8.01
N GLY C 96 1.62 18.33 -8.22
CA GLY C 96 1.51 19.24 -9.35
C GLY C 96 2.44 18.83 -10.46
N SER C 97 1.88 18.54 -11.64
CA SER C 97 2.65 18.05 -12.79
C SER C 97 3.13 19.18 -13.71
N GLY C 98 3.74 18.78 -14.84
CA GLY C 98 4.24 19.66 -15.87
C GLY C 98 3.46 19.47 -17.16
N VAL C 99 2.23 18.92 -17.03
CA VAL C 99 1.29 18.66 -18.13
C VAL C 99 -0.11 19.22 -17.72
N GLY C 100 -0.10 20.30 -16.95
CA GLY C 100 -1.27 21.05 -16.48
C GLY C 100 -2.27 20.28 -15.65
N THR C 101 -1.79 19.43 -14.71
CA THR C 101 -2.66 18.64 -13.84
C THR C 101 -2.22 18.66 -12.39
N VAL C 102 -3.19 18.54 -11.48
CA VAL C 102 -2.95 18.43 -10.04
C VAL C 102 -3.65 17.11 -9.62
N ARG C 103 -2.87 16.19 -9.04
CA ARG C 103 -3.37 14.90 -8.56
C ARG C 103 -3.58 14.95 -7.03
N LEU C 104 -4.74 14.47 -6.56
CA LEU C 104 -5.02 14.36 -5.11
C LEU C 104 -4.79 12.89 -4.78
N TYR C 105 -3.69 12.61 -4.07
CA TYR C 105 -3.27 11.26 -3.68
C TYR C 105 -3.49 10.99 -2.18
N ASP C 106 -4.21 9.91 -1.86
CA ASP C 106 -4.45 9.47 -0.49
C ASP C 106 -3.31 8.46 -0.16
N THR C 107 -2.33 8.91 0.64
CA THR C 107 -1.15 8.15 1.01
C THR C 107 -1.45 6.90 1.90
N GLU C 108 -2.64 6.83 2.56
CA GLU C 108 -3.01 5.66 3.36
C GLU C 108 -3.73 4.61 2.49
N ALA C 109 -4.78 5.04 1.73
CA ALA C 109 -5.56 4.19 0.81
C ALA C 109 -4.70 3.77 -0.41
N LYS C 110 -3.60 4.54 -0.68
CA LYS C 110 -2.63 4.36 -1.77
C LYS C 110 -3.39 4.41 -3.11
N LYS C 111 -4.13 5.52 -3.34
CA LYS C 111 -4.92 5.75 -4.54
C LYS C 111 -5.11 7.26 -4.85
N ASN C 112 -5.31 7.57 -6.15
CA ASN C 112 -5.58 8.93 -6.61
C ASN C 112 -7.08 9.16 -6.54
N LEU C 113 -7.49 10.10 -5.69
CA LEU C 113 -8.89 10.44 -5.42
C LEU C 113 -9.48 11.38 -6.47
N CYS C 114 -8.67 12.33 -6.96
CA CYS C 114 -9.09 13.34 -7.93
C CYS C 114 -7.92 13.77 -8.84
N GLU C 115 -8.28 14.26 -10.04
CA GLU C 115 -7.37 14.86 -11.00
C GLU C 115 -8.09 15.98 -11.76
N ILE C 116 -7.65 17.22 -11.51
CA ILE C 116 -8.21 18.40 -12.19
C ILE C 116 -7.18 18.96 -13.16
N ASN C 117 -7.66 19.59 -14.23
CA ASN C 117 -6.83 20.16 -15.28
C ASN C 117 -6.82 21.69 -15.20
N ILE C 118 -5.68 22.31 -15.58
CA ILE C 118 -5.49 23.75 -15.59
C ILE C 118 -5.57 24.28 -17.03
N ASP C 120 -4.99 26.34 -19.34
CA ASP C 120 -4.98 26.54 -20.79
C ASP C 120 -3.70 27.27 -21.22
N ASN C 121 -2.81 26.53 -21.93
CA ASN C 121 -1.50 26.94 -22.48
C ASN C 121 -0.42 27.15 -21.37
N MET C 122 -0.75 26.88 -20.08
CA MET C 122 0.17 27.01 -18.94
C MET C 122 0.28 25.66 -18.18
N PRO C 123 1.12 24.71 -18.67
CA PRO C 123 1.15 23.36 -18.07
C PRO C 123 2.00 23.15 -16.80
N ARG C 124 2.88 24.09 -16.45
CA ARG C 124 3.79 23.89 -15.33
C ARG C 124 3.18 24.32 -13.98
N ILE C 125 2.74 23.32 -13.18
CA ILE C 125 2.21 23.57 -11.84
C ILE C 125 3.44 23.72 -10.96
N LEU C 126 3.92 24.98 -10.82
CA LEU C 126 5.14 25.31 -10.07
C LEU C 126 4.95 25.40 -8.56
N SER C 127 3.73 25.74 -8.08
CA SER C 127 3.53 25.91 -6.64
C SER C 127 2.14 25.51 -6.18
N LEU C 128 2.08 24.87 -5.01
CA LEU C 128 0.86 24.42 -4.37
C LEU C 128 0.92 24.76 -2.88
N ALA C 129 -0.11 25.46 -2.37
CA ALA C 129 -0.16 25.81 -0.94
C ALA C 129 -1.56 25.59 -0.43
N CYS C 130 -1.69 24.69 0.57
CA CYS C 130 -2.94 24.36 1.26
C CYS C 130 -3.22 25.35 2.38
N SER C 131 -4.42 25.94 2.39
CA SER C 131 -4.81 26.90 3.43
C SER C 131 -4.88 26.20 4.82
N PRO C 132 -4.42 26.88 5.90
CA PRO C 132 -4.42 26.25 7.24
C PRO C 132 -5.76 25.66 7.69
N ASN C 133 -6.92 26.33 7.37
CA ASN C 133 -8.27 25.87 7.79
C ASN C 133 -8.76 24.60 6.99
N GLY C 134 -7.96 24.15 6.01
CA GLY C 134 -8.23 22.97 5.19
C GLY C 134 -9.32 23.06 4.13
N ALA C 135 -9.90 24.27 3.92
CA ALA C 135 -11.02 24.50 3.00
C ALA C 135 -10.59 24.81 1.54
N SER C 136 -9.32 25.22 1.30
CA SER C 136 -8.88 25.61 -0.03
C SER C 136 -7.39 25.42 -0.30
N PHE C 137 -6.98 25.45 -1.58
CA PHE C 137 -5.58 25.37 -1.96
C PHE C 137 -5.29 26.31 -3.12
N VAL C 138 -4.09 26.90 -3.08
CA VAL C 138 -3.59 27.85 -4.06
C VAL C 138 -2.71 27.08 -5.03
N CYS C 139 -2.87 27.38 -6.32
CA CYS C 139 -2.13 26.73 -7.38
C CYS C 139 -1.58 27.77 -8.34
N SER C 140 -0.27 27.73 -8.59
CA SER C 140 0.35 28.62 -9.57
C SER C 140 0.71 27.78 -10.78
N ALA C 141 0.18 28.16 -11.95
CA ALA C 141 0.41 27.51 -13.23
C ALA C 141 1.20 28.47 -14.13
N ALA C 142 2.26 27.97 -14.78
CA ALA C 142 3.11 28.79 -15.65
C ALA C 142 3.19 28.25 -17.07
N ALA C 143 3.36 29.16 -18.04
CA ALA C 143 3.53 28.86 -19.48
C ALA C 143 4.79 27.95 -19.66
N PRO C 144 4.96 27.20 -20.79
CA PRO C 144 6.17 26.37 -20.91
C PRO C 144 7.46 27.20 -20.80
N SER C 145 8.55 26.58 -20.30
CA SER C 145 9.84 27.27 -20.12
C SER C 145 10.54 27.51 -21.49
N LEU C 146 10.62 28.80 -21.92
CA LEU C 146 11.27 29.25 -23.16
C LEU C 146 11.86 30.64 -23.00
N GLN C 149 10.55 33.01 -16.79
CA GLN C 149 10.42 34.36 -17.34
C GLN C 149 9.30 34.45 -18.42
N VAL C 150 8.29 33.56 -18.29
CA VAL C 150 7.12 33.44 -19.16
C VAL C 150 5.83 33.78 -18.35
N PRO C 151 4.63 33.99 -18.98
CA PRO C 151 3.44 34.33 -18.18
C PRO C 151 2.95 33.20 -17.27
N GLY C 152 2.38 33.61 -16.14
CA GLY C 152 1.81 32.73 -15.15
C GLY C 152 0.37 33.06 -14.84
N ARG C 153 -0.28 32.18 -14.07
CA ARG C 153 -1.68 32.23 -13.60
C ARG C 153 -1.67 31.81 -12.13
N LEU C 154 -2.50 32.43 -11.29
CA LEU C 154 -2.61 32.06 -9.87
C LEU C 154 -4.08 31.73 -9.59
N LEU C 155 -4.34 30.45 -9.25
CA LEU C 155 -5.68 29.91 -9.05
C LEU C 155 -5.97 29.45 -7.63
N LEU C 156 -7.20 29.67 -7.19
CA LEU C 156 -7.68 29.23 -5.89
C LEU C 156 -8.67 28.08 -6.13
N TRP C 157 -8.52 26.98 -5.38
CA TRP C 157 -9.36 25.79 -5.50
C TRP C 157 -10.01 25.41 -4.16
N ASP C 158 -11.26 24.95 -4.21
CA ASP C 158 -12.01 24.50 -3.05
C ASP C 158 -11.71 22.99 -2.84
N THR C 159 -11.26 22.59 -1.64
CA THR C 159 -10.91 21.20 -1.33
C THR C 159 -12.16 20.29 -1.25
N LYS C 160 -13.27 20.79 -0.67
CA LYS C 160 -14.50 20.01 -0.51
C LYS C 160 -15.04 19.49 -1.86
N THR C 161 -15.08 20.35 -2.90
CA THR C 161 -15.59 20.07 -4.25
C THR C 161 -14.50 19.68 -5.29
N MET C 162 -13.23 20.12 -5.06
CA MET C 162 -12.06 19.98 -5.95
C MET C 162 -12.33 20.70 -7.28
N LYS C 163 -13.05 21.84 -7.17
CA LYS C 163 -13.43 22.73 -8.27
C LYS C 163 -12.77 24.08 -8.04
N GLN C 164 -12.42 24.79 -9.14
CA GLN C 164 -11.81 26.13 -9.11
C GLN C 164 -12.79 27.12 -8.52
N GLN C 165 -12.38 27.82 -7.43
CA GLN C 165 -13.19 28.83 -6.75
C GLN C 165 -13.08 30.17 -7.49
N LEU C 166 -11.83 30.61 -7.80
CA LEU C 166 -11.52 31.86 -8.53
C LEU C 166 -10.07 31.87 -9.07
N GLN C 167 -9.72 32.96 -9.77
CA GLN C 167 -8.38 33.27 -10.27
C GLN C 167 -7.99 34.66 -9.74
N PHE C 168 -6.75 34.79 -9.21
CA PHE C 168 -6.24 36.07 -8.70
C PHE C 168 -5.83 36.98 -9.86
N SER C 169 -6.31 38.24 -9.84
CA SER C 169 -6.03 39.26 -10.86
C SER C 169 -4.63 39.87 -10.67
N PRO C 174 1.28 39.63 -16.00
CA PRO C 174 1.37 38.45 -15.11
C PRO C 174 2.58 37.57 -15.45
N ILE C 175 3.33 37.17 -14.42
CA ILE C 175 4.58 36.39 -14.48
C ILE C 175 4.48 35.07 -13.64
N ALA C 176 5.35 34.07 -13.98
CA ALA C 176 5.45 32.75 -13.35
C ALA C 176 5.77 32.81 -11.83
N ILE C 177 4.77 32.46 -11.00
CA ILE C 177 4.92 32.41 -9.53
C ILE C 177 5.62 31.08 -9.16
N ASN C 178 6.81 31.16 -8.54
CA ASN C 178 7.59 29.98 -8.11
C ASN C 178 7.17 29.44 -6.76
N CYS C 179 6.96 30.35 -5.78
CA CYS C 179 6.69 29.98 -4.41
C CYS C 179 5.48 30.70 -3.86
N THR C 180 4.78 30.02 -2.94
CA THR C 180 3.59 30.49 -2.24
C THR C 180 3.66 30.03 -0.78
N ALA C 181 3.21 30.92 0.16
CA ALA C 181 3.17 30.61 1.59
C ALA C 181 2.08 31.40 2.30
N PHE C 182 1.24 30.67 3.04
CA PHE C 182 0.15 31.20 3.87
C PHE C 182 0.67 31.60 5.23
N ASN C 183 -0.03 32.53 5.88
CA ASN C 183 0.26 32.94 7.26
C ASN C 183 -0.43 31.91 8.22
N HIS C 184 -0.36 32.13 9.55
CA HIS C 184 -0.91 31.21 10.55
C HIS C 184 -2.38 30.79 10.30
N ASN C 185 -3.30 31.75 10.06
CA ASN C 185 -4.72 31.48 9.91
C ASN C 185 -5.21 31.37 8.45
N GLY C 186 -4.36 31.73 7.47
CA GLY C 186 -4.68 31.65 6.04
C GLY C 186 -5.41 32.86 5.48
N ASN C 187 -5.42 33.97 6.22
CA ASN C 187 -6.01 35.25 5.83
C ASN C 187 -5.06 36.02 4.87
N LEU C 188 -3.77 35.65 4.87
CA LEU C 188 -2.76 36.28 4.03
C LEU C 188 -1.97 35.21 3.32
N LEU C 189 -1.53 35.53 2.11
CA LEU C 189 -0.75 34.64 1.26
C LEU C 189 0.36 35.46 0.64
N VAL C 190 1.62 35.05 0.89
CA VAL C 190 2.81 35.72 0.33
C VAL C 190 3.30 34.83 -0.83
N THR C 191 3.69 35.47 -1.94
CA THR C 191 4.14 34.76 -3.16
C THR C 191 5.44 35.39 -3.68
N GLY C 192 6.24 34.58 -4.38
CA GLY C 192 7.49 34.99 -5.01
C GLY C 192 7.47 34.58 -6.47
N ALA C 193 7.99 35.42 -7.36
CA ALA C 193 7.94 35.16 -8.80
C ALA C 193 9.34 35.16 -9.50
N ALA C 194 9.41 34.66 -10.76
CA ALA C 194 10.63 34.54 -11.56
C ALA C 194 11.24 35.90 -11.97
N ASP C 195 10.43 36.98 -11.98
CA ASP C 195 10.85 38.34 -12.28
C ASP C 195 11.33 39.12 -11.00
N GLY C 196 11.47 38.40 -9.88
CA GLY C 196 11.90 38.95 -8.60
C GLY C 196 10.85 39.69 -7.79
N VAL C 197 9.58 39.66 -8.22
CA VAL C 197 8.50 40.39 -7.54
C VAL C 197 7.80 39.53 -6.44
N ILE C 198 7.57 40.15 -5.27
CA ILE C 198 6.79 39.55 -4.17
C ILE C 198 5.38 40.19 -4.19
N ARG C 199 4.34 39.34 -4.12
CA ARG C 199 2.96 39.82 -4.05
C ARG C 199 2.29 39.24 -2.82
N LEU C 200 1.73 40.11 -1.98
CA LEU C 200 1.01 39.69 -0.78
C LEU C 200 -0.48 39.87 -1.07
N PHE C 201 -1.24 38.77 -0.97
CA PHE C 201 -2.67 38.80 -1.24
C PHE C 201 -3.51 38.68 0.05
N ASP C 202 -4.55 39.54 0.16
CA ASP C 202 -5.51 39.52 1.27
C ASP C 202 -6.54 38.45 0.87
N MET C 203 -6.59 37.31 1.59
CA MET C 203 -7.48 36.18 1.30
C MET C 203 -8.97 36.46 1.59
N GLN C 204 -9.28 37.52 2.35
CA GLN C 204 -10.67 37.90 2.66
C GLN C 204 -11.40 38.31 1.36
N GLN C 205 -10.76 39.18 0.55
CA GLN C 205 -11.34 39.68 -0.71
C GLN C 205 -10.58 39.19 -1.96
N HIS C 206 -9.58 38.28 -1.77
CA HIS C 206 -8.73 37.66 -2.82
C HIS C 206 -8.12 38.74 -3.76
N GLU C 207 -7.60 39.82 -3.16
CA GLU C 207 -6.97 40.93 -3.85
C GLU C 207 -5.49 41.02 -3.48
N CYS C 208 -4.65 41.44 -4.45
CA CYS C 208 -3.22 41.66 -4.28
C CYS C 208 -3.02 42.97 -3.50
N ALA C 209 -2.92 42.87 -2.16
CA ALA C 209 -2.81 43.98 -1.20
C ALA C 209 -1.51 44.78 -1.34
N MET C 210 -0.40 44.10 -1.68
CA MET C 210 0.95 44.68 -1.86
C MET C 210 1.70 43.89 -2.92
N SER C 211 2.67 44.55 -3.58
CA SER C 211 3.57 43.97 -4.56
C SER C 211 4.80 44.87 -4.68
N TRP C 212 6.00 44.26 -4.72
CA TRP C 212 7.27 45.00 -4.80
C TRP C 212 8.40 44.17 -5.41
N ARG C 213 9.45 44.84 -5.94
CA ARG C 213 10.66 44.20 -6.51
C ARG C 213 11.52 43.80 -5.31
N ALA C 214 11.70 42.49 -5.12
CA ALA C 214 12.41 41.95 -3.95
C ALA C 214 13.83 41.47 -4.25
N HIS C 215 14.06 40.81 -5.39
CA HIS C 215 15.36 40.27 -5.75
C HIS C 215 15.72 40.57 -7.21
N TYR C 216 17.03 40.58 -7.51
CA TYR C 216 17.58 40.70 -8.86
C TYR C 216 17.64 39.25 -9.35
N GLY C 217 16.61 38.85 -10.09
CA GLY C 217 16.44 37.49 -10.57
C GLY C 217 15.23 36.85 -9.89
N GLU C 218 15.15 35.52 -9.92
CA GLU C 218 14.00 34.79 -9.35
C GLU C 218 13.95 34.78 -7.82
N VAL C 219 12.73 34.81 -7.25
CA VAL C 219 12.46 34.64 -5.82
C VAL C 219 12.24 33.13 -5.70
N TYR C 220 13.06 32.45 -4.88
CA TYR C 220 13.01 31.00 -4.75
C TYR C 220 12.06 30.52 -3.63
N SER C 221 12.16 31.09 -2.41
CA SER C 221 11.29 30.74 -1.29
C SER C 221 10.78 31.98 -0.53
N VAL C 222 9.57 31.88 0.04
CA VAL C 222 8.90 32.95 0.78
C VAL C 222 8.32 32.38 2.10
N GLU C 223 8.28 33.21 3.17
CA GLU C 223 7.76 32.80 4.49
C GLU C 223 7.32 34.00 5.32
N PHE C 224 6.30 33.80 6.19
CA PHE C 224 5.85 34.83 7.13
C PHE C 224 6.59 34.65 8.45
N SER C 225 6.83 35.74 9.19
CA SER C 225 7.44 35.72 10.53
C SER C 225 6.39 35.20 11.54
N TYR C 226 6.84 34.72 12.72
CA TYR C 226 5.93 34.22 13.77
C TYR C 226 4.91 35.33 14.21
N ASP C 227 5.38 36.59 14.40
CA ASP C 227 4.48 37.70 14.80
C ASP C 227 3.68 38.27 13.56
N GLU C 228 4.03 37.82 12.34
CA GLU C 228 3.45 38.16 11.03
C GLU C 228 3.55 39.71 10.69
N ASN C 229 4.49 40.43 11.34
CA ASN C 229 4.74 41.85 11.05
C ASN C 229 5.62 41.96 9.80
N THR C 230 6.40 40.88 9.48
CA THR C 230 7.32 40.80 8.35
C THR C 230 7.28 39.44 7.60
N VAL C 231 7.80 39.44 6.35
CA VAL C 231 7.97 38.29 5.46
C VAL C 231 9.46 38.14 5.14
N TYR C 232 9.89 36.89 4.93
CA TYR C 232 11.25 36.53 4.59
C TYR C 232 11.29 35.98 3.18
N SER C 233 12.38 36.27 2.46
CA SER C 233 12.57 35.80 1.09
C SER C 233 14.03 35.48 0.80
N ILE C 234 14.24 34.59 -0.17
CA ILE C 234 15.55 34.11 -0.64
C ILE C 234 15.46 34.00 -2.17
N GLY C 235 16.47 34.54 -2.87
CA GLY C 235 16.48 34.58 -4.32
C GLY C 235 17.78 34.27 -5.04
N GLU C 236 17.73 34.46 -6.39
CA GLU C 236 18.81 34.21 -7.35
C GLU C 236 20.05 35.06 -7.06
N ASP C 237 19.88 36.28 -6.50
CA ASP C 237 20.93 37.24 -6.14
C ASP C 237 21.72 36.80 -4.86
N GLY C 238 21.33 35.68 -4.28
CA GLY C 238 21.95 35.07 -3.11
C GLY C 238 21.64 35.74 -1.78
N LYS C 239 20.67 36.65 -1.75
CA LYS C 239 20.34 37.38 -0.53
C LYS C 239 19.12 36.84 0.20
N PHE C 240 19.19 36.86 1.54
CA PHE C 240 18.11 36.55 2.46
C PHE C 240 17.65 37.93 2.97
N ILE C 241 16.39 38.29 2.68
CA ILE C 241 15.87 39.60 3.06
C ILE C 241 14.56 39.46 3.87
N GLN C 242 14.38 40.38 4.86
CA GLN C 242 13.19 40.54 5.72
C GLN C 242 12.46 41.84 5.27
N TRP C 243 11.15 41.76 5.01
CA TRP C 243 10.31 42.85 4.48
C TRP C 243 9.12 43.22 5.38
N ASN C 244 8.96 44.53 5.69
CA ASN C 244 7.86 45.05 6.52
C ASN C 244 6.53 45.02 5.74
N ILE C 245 5.54 44.32 6.31
CA ILE C 245 4.19 44.08 5.76
C ILE C 245 3.16 45.20 6.19
N HIS C 246 3.43 45.97 7.28
CA HIS C 246 2.54 47.05 7.73
C HIS C 246 2.97 48.42 7.15
N LYS C 247 4.07 48.41 6.37
CA LYS C 247 4.63 49.57 5.68
C LYS C 247 5.15 49.12 4.29
N SER C 248 4.23 48.56 3.46
CA SER C 248 4.44 48.07 2.09
C SER C 248 5.70 47.21 1.94
N LYS C 251 12.69 47.16 2.80
CA LYS C 251 13.56 46.25 3.53
C LYS C 251 13.55 46.51 5.04
N VAL C 252 13.83 45.46 5.83
CA VAL C 252 13.90 45.52 7.29
C VAL C 252 15.25 44.95 7.77
N SER C 253 15.78 43.95 7.05
CA SER C 253 17.05 43.26 7.31
C SER C 253 17.50 42.53 6.04
N GLU C 254 18.82 42.51 5.77
CA GLU C 254 19.39 41.88 4.58
C GLU C 254 20.72 41.19 4.92
N TYR C 255 20.92 39.96 4.41
CA TYR C 255 22.15 39.18 4.62
C TYR C 255 22.50 38.38 3.36
N SER C 256 23.75 38.56 2.86
CA SER C 256 24.26 37.85 1.69
C SER C 256 24.81 36.48 2.09
N LEU C 257 23.95 35.44 1.99
CA LEU C 257 24.27 34.04 2.31
C LEU C 257 25.36 33.47 1.40
N PRO C 258 26.05 32.34 1.76
CA PRO C 258 27.06 31.77 0.84
C PRO C 258 26.43 31.28 -0.47
N SER C 259 27.24 31.27 -1.55
CA SER C 259 26.85 30.88 -2.90
C SER C 259 26.14 29.50 -2.96
N ASP C 260 26.61 28.50 -2.17
CA ASP C 260 26.06 27.13 -2.13
C ASP C 260 24.63 27.04 -1.50
N ALA C 261 24.12 28.14 -0.88
CA ALA C 261 22.80 28.18 -0.26
C ALA C 261 21.67 28.38 -1.29
N THR C 262 21.99 29.05 -2.41
CA THR C 262 21.04 29.39 -3.47
C THR C 262 21.37 28.73 -4.83
N GLY C 263 22.54 28.12 -4.93
CA GLY C 263 22.97 27.46 -6.16
C GLY C 263 23.32 28.43 -7.29
N PRO C 264 23.37 27.98 -8.58
CA PRO C 264 23.13 26.62 -9.12
C PRO C 264 23.96 25.54 -8.43
N PHE C 265 23.38 24.34 -8.28
CA PHE C 265 24.03 23.20 -7.62
C PHE C 265 24.66 22.26 -8.66
N VAL C 266 25.96 21.96 -8.52
CA VAL C 266 26.73 21.14 -9.47
C VAL C 266 27.35 19.90 -8.80
N GLN C 275 26.87 17.84 -14.21
CA GLN C 275 25.45 17.81 -13.88
C GLN C 275 25.03 19.01 -13.04
N VAL C 276 24.19 19.89 -13.62
CA VAL C 276 23.68 21.09 -12.98
C VAL C 276 22.21 20.94 -12.59
N GLN C 277 21.83 21.52 -11.45
CA GLN C 277 20.48 21.51 -10.94
C GLN C 277 20.17 22.88 -10.33
N VAL C 278 19.12 23.54 -10.83
CA VAL C 278 18.68 24.86 -10.37
C VAL C 278 17.63 24.67 -9.23
N PRO C 279 17.45 25.65 -8.31
CA PRO C 279 16.44 25.47 -7.25
C PRO C 279 15.03 25.23 -7.78
N ARG C 280 14.29 24.36 -7.07
CA ARG C 280 12.90 23.98 -7.35
C ARG C 280 12.14 23.94 -6.02
N GLY C 281 12.67 23.16 -5.06
CA GLY C 281 12.11 23.03 -3.71
C GLY C 281 12.51 24.18 -2.80
N ARG C 282 12.01 24.13 -1.54
CA ARG C 282 12.30 25.12 -0.50
C ARG C 282 13.83 25.20 -0.22
N LEU C 283 14.37 26.44 -0.24
CA LEU C 283 15.81 26.68 0.02
C LEU C 283 16.03 27.06 1.50
N PHE C 284 14.96 27.28 2.26
CA PHE C 284 15.03 27.57 3.69
C PHE C 284 13.87 26.87 4.44
N ALA C 285 14.09 26.59 5.73
CA ALA C 285 13.14 25.93 6.64
C ALA C 285 13.31 26.55 8.03
N PHE C 286 12.27 26.49 8.87
CA PHE C 286 12.29 27.15 10.17
C PHE C 286 11.81 26.26 11.32
N ASP C 287 12.17 26.64 12.56
CA ASP C 287 11.72 25.94 13.76
C ASP C 287 10.30 26.45 14.09
N SER C 288 9.56 25.72 14.97
CA SER C 288 8.19 26.04 15.41
C SER C 288 8.02 27.53 15.80
N GLU C 289 8.95 28.07 16.64
CA GLU C 289 8.97 29.43 17.16
C GLU C 289 9.37 30.49 16.11
N GLY C 290 10.09 30.07 15.06
CA GLY C 290 10.56 30.94 13.99
C GLY C 290 11.79 31.77 14.34
N ASN C 291 12.60 31.29 15.32
CA ASN C 291 13.84 31.97 15.77
C ASN C 291 15.10 31.42 15.09
N TYR C 292 14.97 30.27 14.41
CA TYR C 292 16.08 29.58 13.74
C TYR C 292 15.70 29.16 12.33
N MET C 293 16.64 29.29 11.38
CA MET C 293 16.41 28.96 9.98
C MET C 293 17.48 28.02 9.42
N LEU C 294 17.02 26.91 8.81
CA LEU C 294 17.83 25.91 8.12
C LEU C 294 18.01 26.35 6.67
N THR C 295 19.25 26.30 6.17
CA THR C 295 19.64 26.68 4.82
C THR C 295 20.47 25.56 4.17
N CYS C 296 20.62 25.61 2.83
CA CYS C 296 21.41 24.66 2.05
C CYS C 296 22.90 25.03 2.06
N SER C 297 23.75 24.02 1.82
CA SER C 297 25.21 24.13 1.70
C SER C 297 25.71 22.88 0.97
N ALA C 298 27.00 22.85 0.56
CA ALA C 298 27.59 21.75 -0.19
C ALA C 298 27.86 20.50 0.67
N THR C 299 28.20 20.67 1.96
CA THR C 299 28.55 19.58 2.88
C THR C 299 27.37 19.08 3.73
N GLY C 300 26.25 19.80 3.72
CA GLY C 300 25.06 19.44 4.49
C GLY C 300 24.20 20.63 4.85
N GLY C 301 23.47 20.51 5.95
CA GLY C 301 22.62 21.58 6.45
C GLY C 301 23.38 22.59 7.28
N VAL C 302 22.91 23.87 7.28
CA VAL C 302 23.52 24.97 8.03
C VAL C 302 22.40 25.88 8.60
N ILE C 303 22.19 25.80 9.93
CA ILE C 303 21.19 26.58 10.66
C ILE C 303 21.73 27.96 11.08
N TYR C 304 20.84 28.99 11.11
CA TYR C 304 21.14 30.39 11.46
C TYR C 304 20.10 30.95 12.44
N LYS C 305 20.56 31.74 13.44
CA LYS C 305 19.71 32.43 14.41
C LYS C 305 19.20 33.73 13.78
N LEU C 306 17.86 33.92 13.73
CA LEU C 306 17.25 35.11 13.11
C LEU C 306 17.09 36.26 14.11
N CYS C 316 25.56 29.15 13.18
CA CYS C 316 24.91 28.68 14.39
C CYS C 316 25.14 27.17 14.59
N LEU C 317 24.66 26.31 13.67
CA LEU C 317 24.82 24.86 13.74
C LEU C 317 24.96 24.24 12.35
N SER C 318 26.05 23.48 12.13
CA SER C 318 26.37 22.81 10.86
C SER C 318 26.03 21.31 10.96
N LEU C 319 24.91 20.92 10.32
CA LEU C 319 24.34 19.57 10.32
C LEU C 319 25.23 18.52 9.63
N GLY C 320 25.90 18.91 8.53
CA GLY C 320 26.79 18.06 7.75
C GLY C 320 26.22 16.71 7.31
N GLY C 321 27.12 15.76 7.08
CA GLY C 321 26.80 14.40 6.69
C GLY C 321 26.34 14.20 5.26
N HIS C 322 26.73 15.11 4.34
CA HIS C 322 26.36 15.03 2.92
C HIS C 322 27.61 14.93 2.02
N ARG C 323 27.59 13.94 1.10
CA ARG C 323 28.66 13.66 0.13
C ARG C 323 28.43 14.38 -1.22
N ALA C 324 27.27 15.07 -1.36
CA ALA C 324 26.88 15.86 -2.53
C ALA C 324 26.12 17.13 -2.09
N PRO C 325 26.16 18.25 -2.87
CA PRO C 325 25.49 19.49 -2.41
C PRO C 325 23.99 19.35 -2.10
N VAL C 326 23.54 20.02 -1.00
CA VAL C 326 22.14 20.05 -0.54
C VAL C 326 21.37 21.03 -1.43
N VAL C 327 20.22 20.56 -2.01
CA VAL C 327 19.39 21.34 -2.95
C VAL C 327 18.03 21.76 -2.32
N THR C 328 17.45 20.94 -1.41
CA THR C 328 16.19 21.28 -0.76
C THR C 328 16.25 20.88 0.72
N VAL C 329 15.51 21.62 1.55
CA VAL C 329 15.46 21.40 2.99
C VAL C 329 13.99 21.43 3.50
N ASP C 330 13.80 20.97 4.75
CA ASP C 330 12.55 20.99 5.50
C ASP C 330 12.86 20.90 7.01
N TRP C 331 11.94 21.39 7.86
CA TRP C 331 12.09 21.38 9.31
C TRP C 331 10.70 21.20 9.96
N SER C 332 10.54 20.17 10.81
CA SER C 332 9.27 19.93 11.52
C SER C 332 9.52 19.70 13.02
N THR C 333 8.79 20.42 13.89
CA THR C 333 8.93 20.35 15.35
C THR C 333 7.64 19.85 16.01
N ASP C 336 7.72 19.30 20.25
CA ASP C 336 8.71 19.45 21.33
C ASP C 336 9.97 18.57 21.07
N CYS C 337 10.23 18.26 19.78
CA CYS C 337 11.36 17.48 19.26
C CYS C 337 11.46 17.75 17.75
N GLY C 338 12.56 18.38 17.35
CA GLY C 338 12.80 18.77 15.96
C GLY C 338 13.30 17.71 15.02
N THR C 339 12.90 17.82 13.73
CA THR C 339 13.28 16.93 12.64
C THR C 339 13.68 17.79 11.43
N CYS C 340 14.96 17.75 11.07
CA CYS C 340 15.48 18.52 9.93
C CYS C 340 15.76 17.59 8.75
N LEU C 341 15.17 17.93 7.59
CA LEU C 341 15.36 17.21 6.34
C LEU C 341 16.32 17.96 5.45
N THR C 342 17.40 17.30 5.00
CA THR C 342 18.41 17.86 4.11
C THR C 342 18.61 16.86 2.97
N ALA C 343 18.31 17.28 1.73
CA ALA C 343 18.36 16.44 0.55
C ALA C 343 19.38 16.95 -0.46
N SER C 344 20.16 16.02 -1.04
CA SER C 344 21.26 16.30 -1.98
C SER C 344 21.05 15.74 -3.40
N MET C 345 21.90 16.23 -4.34
CA MET C 345 21.98 15.89 -5.76
C MET C 345 22.16 14.39 -6.05
N ASP C 346 22.76 13.63 -5.10
CA ASP C 346 22.97 12.17 -5.24
C ASP C 346 21.69 11.36 -4.90
N GLY C 347 20.63 12.05 -4.46
CA GLY C 347 19.35 11.44 -4.10
C GLY C 347 19.19 11.05 -2.64
N LYS C 348 20.26 11.23 -1.85
CA LYS C 348 20.25 10.88 -0.43
C LYS C 348 19.56 11.98 0.39
N ILE C 349 18.72 11.56 1.34
CA ILE C 349 18.01 12.44 2.25
C ILE C 349 18.48 12.10 3.66
N LYS C 350 19.12 13.07 4.32
CA LYS C 350 19.58 12.91 5.69
C LYS C 350 18.54 13.49 6.61
N LEU C 351 18.27 12.77 7.70
CA LEU C 351 17.27 13.15 8.69
C LEU C 351 17.97 13.35 10.05
N THR C 352 18.11 14.62 10.47
CA THR C 352 18.77 15.01 11.72
C THR C 352 17.72 15.39 12.77
N THR C 353 17.82 14.77 13.96
CA THR C 353 16.92 15.00 15.09
C THR C 353 17.59 16.00 16.05
N LEU C 354 16.80 17.01 16.50
CA LEU C 354 17.27 18.07 17.40
C LEU C 354 16.44 18.12 18.68
N LEU C 355 17.11 18.28 19.85
CA LEU C 355 16.46 18.37 21.16
C LEU C 355 16.34 19.83 21.62
#